data_5SO0
#
_entry.id   5SO0
#
_cell.length_a   137.296
_cell.length_b   66.245
_cell.length_c   84.224
_cell.angle_alpha   90.000
_cell.angle_beta   93.880
_cell.angle_gamma   90.000
#
_symmetry.space_group_name_H-M   'C 1 2 1'
#
loop_
_entity.id
_entity.type
_entity.pdbx_description
1 polymer '3-oxoacyl-[acyl-carrier-protein] synthase 2'
2 non-polymer 'methyl 3-(methylsulfonylamino)benzoate'
3 non-polymer 'DIMETHYL SULFOXIDE'
4 non-polymer 'PHOSPHATE ION'
5 water water
#
_entity_poly.entity_id   1
_entity_poly.type   'polypeptide(L)'
_entity_poly.pdbx_seq_one_letter_code
;MSRRRVVITGMGMLSPLGLDVPSSWEGILAGRSGIAPIEHMDLSAYSTRFGGSVKGFNVEEYLSAKEARKLDLFIQYGLA
ASFQAVRDSGLEVTDANRERIGVSMGSGIGGLTNIENNCRSLFEQGPRRISPFFVPGSIINMVSGFLSIHLGLQGPNYAL
TTAQTTGTHSIGMAARNIAYGEADVMVAGGSEMAACGLGLGGFGAARALSTRNDEPTRASRPWDRDRDGFVLSDGSGALV
LEELEHARARGARIYAELVGFGMSGDAFHMTAPPEDGAGAARCMKNALRDAGLDPRQVDYINAHGTSTPAGDIAEIAAVK
SVFGEHAHALSMSSTKSMTGHLLGAAGAVEAIFSVLALRDQVAPPTINLDNPDEGCDLDLVAHEAKPRKIDVALSNSFGF
GGTNGTLVFRRFAD
;
_entity_poly.pdbx_strand_id   A,B
#
loop_
_chem_comp.id
_chem_comp.type
_chem_comp.name
_chem_comp.formula
6SU non-polymer 'methyl 3-(methylsulfonylamino)benzoate' 'C9 H11 N O4 S'
DMS non-polymer 'DIMETHYL SULFOXIDE' 'C2 H6 O S'
PO4 non-polymer 'PHOSPHATE ION' 'O4 P -3'
#
# COMPACT_ATOMS: atom_id res chain seq x y z
N SER A 2 -4.44 -21.70 -14.00
CA SER A 2 -5.21 -21.03 -15.12
C SER A 2 -6.38 -20.21 -14.55
N ARG A 3 -6.72 -19.08 -15.21
CA ARG A 3 -7.45 -17.96 -14.55
C ARG A 3 -8.88 -18.36 -14.15
N ARG A 4 -9.27 -18.09 -12.89
CA ARG A 4 -10.62 -18.37 -12.36
C ARG A 4 -11.43 -17.08 -12.33
N ARG A 5 -12.75 -17.24 -12.26
CA ARG A 5 -13.75 -16.15 -12.34
C ARG A 5 -14.03 -15.61 -10.93
N VAL A 6 -14.25 -14.31 -10.80
CA VAL A 6 -14.39 -13.69 -9.45
C VAL A 6 -15.70 -12.92 -9.44
N VAL A 7 -16.52 -13.22 -8.42
CA VAL A 7 -17.87 -12.62 -8.21
C VAL A 7 -17.88 -11.91 -6.86
N ILE A 8 -18.78 -10.94 -6.75
CA ILE A 8 -19.09 -10.14 -5.52
C ILE A 8 -20.24 -10.85 -4.78
N THR A 9 -19.98 -11.40 -3.59
CA THR A 9 -20.98 -12.11 -2.75
C THR A 9 -21.47 -11.22 -1.59
N GLY A 10 -20.73 -10.19 -1.23
CA GLY A 10 -21.03 -9.33 -0.06
C GLY A 10 -20.46 -7.94 -0.23
N MET A 11 -21.16 -6.93 0.30
CA MET A 11 -20.69 -5.51 0.26
C MET A 11 -21.03 -4.80 1.58
N GLY A 12 -20.27 -3.75 1.92
CA GLY A 12 -20.45 -2.97 3.16
C GLY A 12 -19.90 -1.58 2.99
N MET A 13 -20.48 -0.60 3.68
CA MET A 13 -20.16 0.82 3.44
C MET A 13 -20.44 1.74 4.66
N LEU A 14 -19.58 2.76 4.85
CA LEU A 14 -19.88 4.06 5.52
C LEU A 14 -19.60 5.20 4.53
N SER A 15 -20.57 6.04 4.24
CA SER A 15 -20.41 7.23 3.37
C SER A 15 -21.06 8.44 4.01
N PRO A 16 -20.82 9.66 3.50
CA PRO A 16 -21.57 10.82 3.96
C PRO A 16 -23.08 10.69 3.73
N LEU A 17 -23.55 9.58 3.16
CA LEU A 17 -24.97 9.42 2.78
C LEU A 17 -25.64 8.36 3.67
N GLY A 18 -24.86 7.49 4.32
CA GLY A 18 -25.46 6.41 5.14
C GLY A 18 -24.44 5.57 5.92
N LEU A 19 -24.95 4.82 6.91
CA LEU A 19 -24.17 3.96 7.84
C LEU A 19 -24.08 2.53 7.30
N ASP A 20 -24.54 2.31 6.06
CA ASP A 20 -24.51 0.98 5.39
C ASP A 20 -24.70 1.18 3.88
N VAL A 21 -24.71 0.07 3.14
CA VAL A 21 -24.88 0.07 1.66
C VAL A 21 -26.27 0.60 1.30
N PRO A 22 -27.39 -0.04 1.69
CA PRO A 22 -28.72 0.40 1.22
C PRO A 22 -29.09 1.85 1.59
N SER A 23 -28.73 2.32 2.78
CA SER A 23 -29.02 3.71 3.18
C SER A 23 -28.25 4.66 2.26
N SER A 24 -26.98 4.40 2.01
CA SER A 24 -26.16 5.20 1.05
C SER A 24 -26.79 5.15 -0.35
N TRP A 25 -27.16 3.95 -0.84
CA TRP A 25 -27.68 3.74 -2.23
C TRP A 25 -28.96 4.59 -2.44
N GLU A 26 -29.95 4.40 -1.56
N GLU A 26 -29.95 4.44 -1.56
CA GLU A 26 -31.18 5.22 -1.43
CA GLU A 26 -31.20 5.26 -1.57
C GLU A 26 -30.83 6.70 -1.70
C GLU A 26 -30.83 6.74 -1.74
N GLY A 27 -29.77 7.19 -1.04
CA GLY A 27 -29.29 8.58 -1.17
C GLY A 27 -28.77 8.87 -2.57
N ILE A 28 -28.02 7.92 -3.16
CA ILE A 28 -27.43 8.06 -4.51
C ILE A 28 -28.55 8.26 -5.53
N LEU A 29 -29.61 7.48 -5.43
CA LEU A 29 -30.68 7.45 -6.46
C LEU A 29 -31.60 8.67 -6.30
N ALA A 30 -31.75 9.16 -5.06
CA ALA A 30 -32.59 10.34 -4.75
C ALA A 30 -31.83 11.60 -5.11
N GLY A 31 -30.53 11.50 -5.44
CA GLY A 31 -29.70 12.67 -5.77
C GLY A 31 -29.46 13.55 -4.55
N ARG A 32 -29.39 12.95 -3.37
CA ARG A 32 -29.22 13.66 -2.07
C ARG A 32 -27.74 14.00 -1.97
N SER A 33 -27.36 15.14 -1.36
CA SER A 33 -25.98 15.48 -0.94
C SER A 33 -25.69 15.07 0.51
N GLY A 34 -24.49 14.57 0.76
CA GLY A 34 -23.97 14.31 2.11
C GLY A 34 -22.90 15.32 2.48
N ILE A 35 -22.83 16.46 1.78
CA ILE A 35 -21.83 17.53 2.11
C ILE A 35 -22.48 18.56 3.03
N ALA A 36 -21.76 19.00 4.07
CA ALA A 36 -22.21 19.95 5.10
C ALA A 36 -21.01 20.59 5.77
N PRO A 37 -21.18 21.75 6.43
CA PRO A 37 -20.10 22.29 7.27
C PRO A 37 -19.64 21.22 8.26
N ILE A 38 -18.33 21.15 8.49
CA ILE A 38 -17.69 20.21 9.46
C ILE A 38 -17.84 20.76 10.88
N GLU A 39 -18.16 19.90 11.86
CA GLU A 39 -18.43 20.32 13.27
C GLU A 39 -17.38 19.80 14.26
N HIS A 40 -16.73 18.68 13.99
CA HIS A 40 -15.79 18.02 14.95
C HIS A 40 -14.58 18.93 15.27
N MET A 41 -14.35 20.02 14.52
CA MET A 41 -13.24 20.99 14.79
C MET A 41 -13.58 22.41 14.32
N ASP A 42 -12.84 23.42 14.80
CA ASP A 42 -12.95 24.85 14.39
C ASP A 42 -12.11 25.13 13.12
N LEU A 43 -12.75 25.55 12.03
CA LEU A 43 -12.11 25.68 10.70
C LEU A 43 -12.16 27.13 10.19
N SER A 44 -12.30 28.12 11.07
CA SER A 44 -12.49 29.55 10.68
C SER A 44 -11.22 30.12 10.04
N ALA A 45 -10.07 29.49 10.35
CA ALA A 45 -8.70 29.82 9.85
C ALA A 45 -8.39 29.12 8.53
N TYR A 46 -9.31 28.26 8.05
CA TYR A 46 -9.19 27.45 6.81
C TYR A 46 -10.06 28.05 5.69
N SER A 47 -9.55 27.98 4.45
CA SER A 47 -10.28 28.36 3.21
C SER A 47 -11.43 27.39 2.87
N THR A 48 -11.37 26.13 3.31
CA THR A 48 -12.49 25.15 3.16
C THR A 48 -12.95 24.67 4.55
N ARG A 49 -14.24 24.77 4.83
CA ARG A 49 -14.85 24.53 6.17
C ARG A 49 -15.96 23.47 6.11
N PHE A 50 -16.16 22.81 4.95
CA PHE A 50 -17.15 21.73 4.75
C PHE A 50 -16.50 20.45 4.20
N GLY A 51 -17.26 19.36 4.24
CA GLY A 51 -16.86 18.03 3.77
C GLY A 51 -18.00 17.02 3.86
N GLY A 52 -17.74 15.82 3.39
CA GLY A 52 -18.64 14.66 3.49
C GLY A 52 -18.26 13.90 4.73
N SER A 53 -18.88 14.24 5.86
CA SER A 53 -18.65 13.60 7.18
C SER A 53 -19.45 12.32 7.20
N VAL A 54 -18.95 11.28 7.85
CA VAL A 54 -19.81 10.13 8.26
C VAL A 54 -20.64 10.62 9.46
N LYS A 55 -21.97 10.54 9.39
CA LYS A 55 -22.87 11.09 10.43
C LYS A 55 -23.33 9.98 11.37
N GLY A 56 -23.13 10.12 12.68
CA GLY A 56 -23.79 9.26 13.67
C GLY A 56 -23.23 7.85 13.67
N PHE A 57 -21.97 7.70 13.26
CA PHE A 57 -21.28 6.39 13.31
C PHE A 57 -21.24 5.90 14.76
N ASN A 58 -21.76 4.70 15.02
CA ASN A 58 -21.63 4.03 16.34
C ASN A 58 -20.69 2.81 16.24
N VAL A 59 -19.40 3.00 16.52
CA VAL A 59 -18.38 1.91 16.51
C VAL A 59 -18.79 0.73 17.44
N GLU A 60 -19.62 0.99 18.45
CA GLU A 60 -20.02 -0.04 19.44
C GLU A 60 -21.06 -0.95 18.81
N GLU A 61 -21.41 -0.78 17.53
CA GLU A 61 -22.18 -1.79 16.74
C GLU A 61 -21.23 -2.87 16.22
N TYR A 62 -19.92 -2.66 16.29
CA TYR A 62 -18.89 -3.56 15.71
C TYR A 62 -17.91 -4.01 16.79
N LEU A 63 -17.45 -3.07 17.61
CA LEU A 63 -16.29 -3.30 18.51
C LEU A 63 -16.61 -2.79 19.92
N SER A 64 -15.81 -3.23 20.90
CA SER A 64 -15.79 -2.72 22.29
C SER A 64 -15.26 -1.29 22.26
N ALA A 65 -15.82 -0.42 23.10
CA ALA A 65 -15.28 0.93 23.34
C ALA A 65 -13.78 0.80 23.66
N LYS A 66 -13.38 -0.25 24.40
CA LYS A 66 -11.97 -0.53 24.86
C LYS A 66 -10.99 -0.62 23.69
N GLU A 67 -11.37 -1.31 22.61
N GLU A 67 -11.38 -1.32 22.62
CA GLU A 67 -10.54 -1.45 21.38
CA GLU A 67 -10.61 -1.46 21.36
C GLU A 67 -10.67 -0.20 20.51
C GLU A 67 -10.67 -0.16 20.58
N ALA A 68 -11.90 0.31 20.31
CA ALA A 68 -12.18 1.51 19.48
C ALA A 68 -11.32 2.72 19.90
N ARG A 69 -11.10 2.91 21.21
N ARG A 69 -11.09 2.92 21.20
CA ARG A 69 -10.31 4.03 21.78
CA ARG A 69 -10.32 4.06 21.74
C ARG A 69 -8.86 3.99 21.27
C ARG A 69 -8.85 3.99 21.29
N LYS A 70 -8.35 2.80 20.93
CA LYS A 70 -6.93 2.61 20.49
C LYS A 70 -6.73 2.86 18.97
N LEU A 71 -7.79 3.10 18.19
CA LEU A 71 -7.76 3.04 16.70
C LEU A 71 -8.24 4.37 16.10
N ASP A 72 -7.52 4.85 15.07
CA ASP A 72 -7.97 5.97 14.21
C ASP A 72 -9.31 5.64 13.56
N LEU A 73 -10.11 6.67 13.30
CA LEU A 73 -11.43 6.53 12.66
C LEU A 73 -11.25 5.78 11.34
N PHE A 74 -10.15 5.98 10.62
CA PHE A 74 -9.98 5.36 9.28
C PHE A 74 -10.06 3.85 9.46
N ILE A 75 -9.47 3.33 10.51
CA ILE A 75 -9.48 1.86 10.76
C ILE A 75 -10.88 1.43 11.19
N GLN A 76 -11.51 2.19 12.07
CA GLN A 76 -12.86 1.87 12.57
C GLN A 76 -13.80 1.78 11.36
N TYR A 77 -13.60 2.66 10.36
CA TYR A 77 -14.47 2.75 9.17
C TYR A 77 -14.24 1.51 8.28
N GLY A 78 -12.97 1.18 8.06
CA GLY A 78 -12.58 -0.06 7.32
C GLY A 78 -13.17 -1.32 7.92
N LEU A 79 -12.95 -1.51 9.23
CA LEU A 79 -13.51 -2.65 10.01
C LEU A 79 -15.03 -2.64 9.88
N ALA A 80 -15.69 -1.51 10.07
CA ALA A 80 -17.16 -1.41 10.00
C ALA A 80 -17.63 -1.96 8.66
N ALA A 81 -17.11 -1.45 7.54
CA ALA A 81 -17.55 -1.83 6.19
C ALA A 81 -17.16 -3.30 5.91
N SER A 82 -15.95 -3.70 6.32
CA SER A 82 -15.46 -5.10 6.23
C SER A 82 -16.45 -6.03 6.96
N PHE A 83 -16.79 -5.76 8.22
CA PHE A 83 -17.79 -6.59 8.97
C PHE A 83 -19.11 -6.67 8.17
N GLN A 84 -19.64 -5.55 7.70
CA GLN A 84 -20.87 -5.48 6.88
C GLN A 84 -20.73 -6.46 5.71
N ALA A 85 -19.65 -6.35 4.96
CA ALA A 85 -19.39 -7.12 3.72
C ALA A 85 -19.42 -8.61 4.03
N VAL A 86 -18.73 -9.01 5.09
CA VAL A 86 -18.53 -10.45 5.43
C VAL A 86 -19.87 -11.01 5.86
N ARG A 87 -20.57 -10.29 6.74
N ARG A 87 -20.59 -10.31 6.73
CA ARG A 87 -21.95 -10.62 7.20
CA ARG A 87 -21.96 -10.71 7.18
C ARG A 87 -22.86 -10.74 5.97
C ARG A 87 -22.88 -10.76 5.95
N ASP A 88 -22.84 -9.72 5.10
CA ASP A 88 -23.67 -9.66 3.87
C ASP A 88 -23.35 -10.79 2.89
N SER A 89 -22.14 -11.38 2.91
CA SER A 89 -21.80 -12.56 2.07
C SER A 89 -22.35 -13.86 2.68
N GLY A 90 -22.71 -13.84 3.96
CA GLY A 90 -23.10 -15.02 4.77
C GLY A 90 -22.00 -16.08 4.87
N LEU A 91 -20.73 -15.73 4.61
CA LEU A 91 -19.61 -16.69 4.65
C LEU A 91 -19.27 -17.04 6.11
N GLU A 92 -19.07 -18.34 6.39
CA GLU A 92 -18.58 -18.85 7.70
C GLU A 92 -17.11 -19.23 7.55
N VAL A 93 -16.27 -18.61 8.36
CA VAL A 93 -14.80 -18.88 8.46
C VAL A 93 -14.56 -20.11 9.36
N THR A 94 -13.96 -21.15 8.81
CA THR A 94 -13.64 -22.44 9.49
C THR A 94 -12.15 -22.72 9.33
N ASP A 95 -11.64 -23.73 10.04
CA ASP A 95 -10.30 -24.32 9.79
C ASP A 95 -10.19 -24.80 8.34
N ALA A 96 -11.29 -25.21 7.74
CA ALA A 96 -11.29 -25.75 6.36
C ALA A 96 -10.95 -24.63 5.37
N ASN A 97 -11.26 -23.36 5.69
CA ASN A 97 -11.26 -22.30 4.65
C ASN A 97 -10.42 -21.08 5.07
N ARG A 98 -9.94 -20.99 6.32
CA ARG A 98 -9.35 -19.72 6.83
C ARG A 98 -8.06 -19.37 6.09
N GLU A 99 -7.29 -20.34 5.57
CA GLU A 99 -6.01 -20.08 4.86
C GLU A 99 -6.30 -19.53 3.48
N ARG A 100 -7.54 -19.69 2.98
CA ARG A 100 -7.97 -19.33 1.61
C ARG A 100 -8.79 -18.03 1.60
N ILE A 101 -8.83 -17.30 2.71
CA ILE A 101 -9.58 -16.02 2.84
C ILE A 101 -8.58 -15.01 3.35
N GLY A 102 -8.33 -13.96 2.57
CA GLY A 102 -7.40 -12.88 2.90
C GLY A 102 -8.10 -11.54 2.91
N VAL A 103 -7.33 -10.48 3.03
CA VAL A 103 -7.89 -9.11 3.09
C VAL A 103 -6.88 -8.15 2.48
N SER A 104 -7.41 -7.18 1.75
CA SER A 104 -6.67 -6.03 1.18
C SER A 104 -7.53 -4.77 1.31
N MET A 105 -7.46 -4.10 2.44
CA MET A 105 -8.11 -2.79 2.64
C MET A 105 -7.02 -1.74 2.66
N GLY A 106 -7.16 -0.76 1.77
CA GLY A 106 -6.16 0.29 1.59
C GLY A 106 -6.61 1.60 2.18
N SER A 107 -5.71 2.56 2.21
CA SER A 107 -6.02 3.96 2.53
C SER A 107 -4.98 4.85 1.86
N GLY A 108 -5.34 6.07 1.51
CA GLY A 108 -4.39 7.06 0.95
C GLY A 108 -3.42 7.57 2.01
N ILE A 109 -3.98 8.15 3.08
CA ILE A 109 -3.21 8.91 4.11
C ILE A 109 -3.20 8.12 5.44
N GLY A 110 -4.19 7.25 5.67
CA GLY A 110 -4.27 6.44 6.91
C GLY A 110 -4.68 7.27 8.11
N GLY A 111 -4.01 7.09 9.25
CA GLY A 111 -4.46 7.63 10.56
C GLY A 111 -3.88 9.01 10.84
N LEU A 112 -4.31 10.04 10.10
CA LEU A 112 -3.70 11.40 10.15
C LEU A 112 -4.20 12.18 11.36
N THR A 113 -5.45 11.98 11.80
CA THR A 113 -6.00 12.58 13.06
C THR A 113 -5.11 12.14 14.21
N ASN A 114 -4.89 10.83 14.29
CA ASN A 114 -4.09 10.17 15.35
C ASN A 114 -2.65 10.70 15.30
N ILE A 115 -2.08 10.85 14.11
CA ILE A 115 -0.68 11.34 13.96
C ILE A 115 -0.63 12.81 14.38
N GLU A 116 -1.68 13.57 14.07
CA GLU A 116 -1.75 15.03 14.34
C GLU A 116 -1.74 15.20 15.86
N ASN A 117 -2.70 14.55 16.53
CA ASN A 117 -2.92 14.57 18.00
C ASN A 117 -1.64 14.17 18.72
N ASN A 118 -1.01 13.07 18.31
CA ASN A 118 0.25 12.60 18.93
C ASN A 118 1.37 13.59 18.63
N CYS A 119 1.36 14.29 17.48
CA CYS A 119 2.31 15.40 17.22
C CYS A 119 2.05 16.55 18.18
N ARG A 120 0.78 16.93 18.40
CA ARG A 120 0.37 17.95 19.39
C ARG A 120 0.95 17.58 20.77
N SER A 121 0.74 16.35 21.27
CA SER A 121 1.29 15.84 22.57
C SER A 121 2.82 15.96 22.63
N LEU A 122 3.50 15.67 21.52
CA LEU A 122 4.98 15.63 21.46
C LEU A 122 5.54 17.05 21.59
N PHE A 123 4.90 18.03 20.93
CA PHE A 123 5.43 19.42 20.81
C PHE A 123 5.01 20.25 22.05
N GLU A 124 3.84 19.92 22.63
CA GLU A 124 3.30 20.57 23.84
C GLU A 124 3.92 19.92 25.08
N GLN A 125 4.04 18.60 25.16
CA GLN A 125 4.35 17.92 26.46
C GLN A 125 5.59 17.03 26.41
N GLY A 126 6.10 16.73 25.22
CA GLY A 126 7.30 15.91 25.07
C GLY A 126 6.93 14.49 24.66
N PRO A 127 7.95 13.66 24.33
CA PRO A 127 7.75 12.36 23.73
C PRO A 127 7.07 11.35 24.66
N ARG A 128 7.19 11.55 25.97
CA ARG A 128 6.56 10.66 26.99
C ARG A 128 5.02 10.71 26.91
N ARG A 129 4.40 11.72 26.27
CA ARG A 129 2.92 11.78 26.15
C ARG A 129 2.45 11.06 24.88
N ILE A 130 3.34 10.47 24.10
CA ILE A 130 2.94 9.75 22.85
C ILE A 130 2.28 8.42 23.25
N SER A 131 1.04 8.16 22.81
CA SER A 131 0.28 6.91 23.10
C SER A 131 1.11 5.70 22.73
N PRO A 132 1.17 4.67 23.58
CA PRO A 132 1.75 3.38 23.22
C PRO A 132 1.08 2.70 22.02
N PHE A 133 -0.12 3.14 21.64
CA PHE A 133 -0.96 2.52 20.58
C PHE A 133 -0.83 3.33 19.29
N PHE A 134 0.09 4.30 19.29
CA PHE A 134 0.16 5.34 18.25
C PHE A 134 0.37 4.62 16.91
N VAL A 135 1.44 3.85 16.83
CA VAL A 135 1.85 3.16 15.57
C VAL A 135 0.76 2.19 15.13
N PRO A 136 0.52 1.05 15.83
CA PRO A 136 -0.46 0.06 15.36
C PRO A 136 -1.89 0.63 15.22
N GLY A 137 -2.16 1.78 15.82
CA GLY A 137 -3.51 2.37 15.79
C GLY A 137 -3.70 3.35 14.65
N SER A 138 -2.61 3.67 13.93
CA SER A 138 -2.54 4.73 12.90
C SER A 138 -2.10 4.20 11.52
N ILE A 139 -1.30 3.13 11.42
CA ILE A 139 -0.69 2.71 10.11
C ILE A 139 -1.69 1.99 9.20
N ILE A 140 -1.49 2.13 7.89
CA ILE A 140 -2.53 1.89 6.85
C ILE A 140 -2.93 0.42 6.84
N ASN A 141 -1.98 -0.51 7.08
CA ASN A 141 -2.22 -1.98 6.95
C ASN A 141 -3.02 -2.58 8.12
N MET A 142 -3.43 -1.78 9.11
CA MET A 142 -4.04 -2.36 10.33
C MET A 142 -5.54 -2.55 10.10
N VAL A 143 -6.13 -2.08 8.99
CA VAL A 143 -7.52 -2.54 8.72
C VAL A 143 -7.43 -4.02 8.36
N SER A 144 -6.47 -4.36 7.50
CA SER A 144 -6.19 -5.76 7.09
C SER A 144 -5.82 -6.62 8.31
N GLY A 145 -4.93 -6.13 9.19
CA GLY A 145 -4.48 -6.87 10.37
C GLY A 145 -5.58 -7.07 11.40
N PHE A 146 -6.29 -6.00 11.79
CA PHE A 146 -7.33 -6.07 12.84
C PHE A 146 -8.48 -6.92 12.28
N LEU A 147 -8.79 -6.82 10.99
CA LEU A 147 -9.88 -7.66 10.40
C LEU A 147 -9.50 -9.15 10.46
N SER A 148 -8.25 -9.47 10.12
N SER A 148 -8.25 -9.45 10.11
CA SER A 148 -7.72 -10.86 10.14
CA SER A 148 -7.65 -10.81 10.14
C SER A 148 -7.72 -11.39 11.58
C SER A 148 -7.69 -11.37 11.56
N ILE A 149 -7.36 -10.57 12.57
CA ILE A 149 -7.32 -11.00 14.01
C ILE A 149 -8.76 -11.37 14.45
N HIS A 150 -9.73 -10.48 14.18
CA HIS A 150 -11.15 -10.61 14.63
C HIS A 150 -11.91 -11.76 13.96
N LEU A 151 -11.59 -12.08 12.68
CA LEU A 151 -12.32 -13.11 11.90
C LEU A 151 -11.49 -14.36 11.70
N GLY A 152 -10.18 -14.30 11.94
CA GLY A 152 -9.22 -15.41 11.74
C GLY A 152 -8.88 -15.64 10.28
N LEU A 153 -8.74 -14.59 9.47
CA LEU A 153 -8.35 -14.69 8.03
C LEU A 153 -6.83 -14.92 7.96
N GLN A 154 -6.39 -16.09 7.51
CA GLN A 154 -4.96 -16.46 7.43
C GLN A 154 -4.46 -16.38 5.99
N GLY A 155 -5.30 -15.92 5.06
CA GLY A 155 -4.95 -15.72 3.64
C GLY A 155 -4.08 -14.48 3.40
N PRO A 156 -3.75 -14.15 2.12
CA PRO A 156 -2.97 -12.95 1.81
C PRO A 156 -3.43 -11.71 2.60
N ASN A 157 -2.50 -11.00 3.23
CA ASN A 157 -2.86 -9.91 4.18
C ASN A 157 -1.98 -8.72 3.84
N TYR A 158 -2.55 -7.69 3.23
CA TYR A 158 -1.76 -6.55 2.73
C TYR A 158 -2.65 -5.33 2.51
N ALA A 159 -1.99 -4.25 2.13
CA ALA A 159 -2.63 -2.93 1.97
C ALA A 159 -1.84 -2.10 0.93
N LEU A 160 -2.58 -1.51 -0.01
CA LEU A 160 -2.08 -0.55 -1.03
C LEU A 160 -2.35 0.86 -0.52
N THR A 161 -1.48 1.76 -0.91
CA THR A 161 -1.71 3.20 -0.78
C THR A 161 -1.32 3.79 -2.13
N THR A 162 -2.31 4.01 -2.99
CA THR A 162 -2.11 4.67 -4.31
C THR A 162 -3.05 5.87 -4.38
N ALA A 163 -3.04 6.65 -3.31
CA ALA A 163 -3.73 7.93 -3.15
C ALA A 163 -5.19 7.71 -3.54
N GLN A 164 -5.73 8.48 -4.47
CA GLN A 164 -7.18 8.47 -4.78
C GLN A 164 -7.53 7.21 -5.58
N THR A 165 -6.54 6.38 -5.90
CA THR A 165 -6.76 5.16 -6.72
C THR A 165 -6.76 3.92 -5.83
N THR A 166 -6.39 4.03 -4.53
CA THR A 166 -6.29 2.93 -3.53
C THR A 166 -7.47 1.94 -3.61
N GLY A 167 -8.71 2.42 -3.55
CA GLY A 167 -9.91 1.56 -3.54
C GLY A 167 -9.97 0.65 -4.75
N THR A 168 -9.74 1.20 -5.92
CA THR A 168 -9.85 0.50 -7.23
C THR A 168 -8.76 -0.55 -7.30
N HIS A 169 -7.52 -0.13 -7.08
CA HIS A 169 -6.34 -1.02 -7.03
C HIS A 169 -6.54 -2.12 -5.99
N SER A 170 -7.01 -1.78 -4.78
CA SER A 170 -7.17 -2.77 -3.70
C SER A 170 -8.12 -3.88 -4.16
N ILE A 171 -9.26 -3.53 -4.78
CA ILE A 171 -10.28 -4.51 -5.26
C ILE A 171 -9.66 -5.36 -6.38
N GLY A 172 -9.05 -4.69 -7.38
CA GLY A 172 -8.50 -5.32 -8.60
C GLY A 172 -7.45 -6.39 -8.29
N MET A 173 -6.53 -6.10 -7.37
CA MET A 173 -5.39 -6.99 -7.04
C MET A 173 -5.86 -8.13 -6.13
N ALA A 174 -6.85 -7.87 -5.27
CA ALA A 174 -7.51 -8.94 -4.48
C ALA A 174 -8.11 -9.96 -5.47
N ALA A 175 -8.70 -9.47 -6.57
CA ALA A 175 -9.33 -10.28 -7.64
C ALA A 175 -8.28 -11.16 -8.29
N ARG A 176 -7.10 -10.61 -8.55
CA ARG A 176 -5.96 -11.33 -9.17
C ARG A 176 -5.52 -12.42 -8.19
N ASN A 177 -5.54 -12.14 -6.88
CA ASN A 177 -5.22 -13.13 -5.81
C ASN A 177 -6.10 -14.37 -6.01
N ILE A 178 -7.39 -14.16 -6.23
CA ILE A 178 -8.39 -15.24 -6.30
C ILE A 178 -8.25 -15.94 -7.65
N ALA A 179 -8.26 -15.15 -8.72
CA ALA A 179 -8.26 -15.62 -10.13
C ALA A 179 -7.11 -16.60 -10.37
N TYR A 180 -5.95 -16.36 -9.76
CA TYR A 180 -4.69 -17.10 -10.01
C TYR A 180 -4.29 -17.99 -8.81
N GLY A 181 -5.24 -18.29 -7.91
CA GLY A 181 -5.17 -19.47 -7.02
C GLY A 181 -4.70 -19.17 -5.60
N GLU A 182 -4.22 -17.95 -5.33
CA GLU A 182 -3.60 -17.57 -4.02
C GLU A 182 -4.66 -17.54 -2.90
N ALA A 183 -5.94 -17.38 -3.23
CA ALA A 183 -7.05 -17.37 -2.24
C ALA A 183 -8.36 -17.67 -2.95
N ASP A 184 -9.39 -18.09 -2.21
CA ASP A 184 -10.75 -18.31 -2.78
C ASP A 184 -11.62 -17.11 -2.45
N VAL A 185 -11.28 -16.38 -1.38
CA VAL A 185 -12.09 -15.23 -0.89
C VAL A 185 -11.11 -14.13 -0.49
N MET A 186 -11.48 -12.88 -0.80
CA MET A 186 -10.74 -11.69 -0.32
C MET A 186 -11.73 -10.60 0.12
N VAL A 187 -11.45 -9.97 1.25
CA VAL A 187 -12.14 -8.74 1.67
C VAL A 187 -11.32 -7.52 1.23
N ALA A 188 -11.90 -6.68 0.38
CA ALA A 188 -11.16 -5.68 -0.41
C ALA A 188 -11.95 -4.38 -0.47
N GLY A 189 -11.20 -3.28 -0.41
CA GLY A 189 -11.68 -1.91 -0.61
C GLY A 189 -10.73 -0.95 0.08
N GLY A 190 -11.29 0.13 0.61
CA GLY A 190 -10.48 1.11 1.35
C GLY A 190 -11.34 1.87 2.31
N SER A 191 -10.66 2.71 3.10
CA SER A 191 -11.25 3.61 4.10
C SER A 191 -10.34 4.84 4.22
N GLU A 192 -10.98 5.98 4.46
CA GLU A 192 -10.27 7.26 4.64
C GLU A 192 -10.95 8.08 5.73
N MET A 193 -10.18 8.89 6.43
N MET A 193 -10.18 8.89 6.43
CA MET A 193 -10.65 9.94 7.38
CA MET A 193 -10.65 9.94 7.38
C MET A 193 -9.57 11.01 7.49
C MET A 193 -9.57 11.01 7.49
N ALA A 194 -9.47 11.89 6.49
CA ALA A 194 -8.43 12.92 6.41
C ALA A 194 -9.01 14.28 6.80
N ALA A 195 -10.21 14.32 7.40
CA ALA A 195 -10.85 15.55 7.95
C ALA A 195 -10.21 15.92 9.29
N CYS A 196 -8.95 16.32 9.26
CA CYS A 196 -8.23 16.97 10.37
C CYS A 196 -7.53 18.19 9.78
N GLY A 197 -6.87 19.00 10.61
CA GLY A 197 -6.18 20.23 10.21
C GLY A 197 -5.18 19.97 9.11
N LEU A 198 -4.41 18.88 9.22
CA LEU A 198 -3.31 18.56 8.29
C LEU A 198 -3.88 18.29 6.89
N GLY A 199 -5.03 17.63 6.81
CA GLY A 199 -5.69 17.26 5.53
C GLY A 199 -6.33 18.46 4.87
N LEU A 200 -7.32 19.06 5.54
CA LEU A 200 -8.06 20.24 5.04
C LEU A 200 -7.08 21.38 4.83
N GLY A 201 -6.05 21.48 5.69
CA GLY A 201 -4.96 22.45 5.55
C GLY A 201 -4.02 22.10 4.41
N GLY A 202 -3.56 20.84 4.33
CA GLY A 202 -2.63 20.35 3.30
C GLY A 202 -3.20 20.48 1.90
N PHE A 203 -4.42 19.99 1.69
CA PHE A 203 -5.15 20.15 0.42
C PHE A 203 -5.46 21.64 0.21
N GLY A 204 -5.70 22.38 1.31
CA GLY A 204 -5.87 23.84 1.28
C GLY A 204 -4.68 24.49 0.61
N ALA A 205 -3.47 24.21 1.12
CA ALA A 205 -2.20 24.86 0.69
C ALA A 205 -1.92 24.57 -0.80
N ALA A 206 -2.41 23.45 -1.30
CA ALA A 206 -2.25 23.00 -2.70
C ALA A 206 -3.22 23.77 -3.58
N ARG A 207 -4.26 24.34 -2.97
CA ARG A 207 -5.39 25.09 -3.60
C ARG A 207 -6.29 24.10 -4.35
N ALA A 208 -6.32 22.84 -3.89
CA ALA A 208 -6.92 21.66 -4.58
C ALA A 208 -8.42 21.46 -4.27
N LEU A 209 -9.01 22.17 -3.31
CA LEU A 209 -10.38 21.94 -2.74
C LEU A 209 -11.37 23.00 -3.23
N SER A 210 -12.66 22.67 -3.42
CA SER A 210 -13.70 23.71 -3.51
C SER A 210 -13.61 24.56 -2.25
N THR A 211 -13.78 25.88 -2.40
CA THR A 211 -13.97 26.87 -1.30
C THR A 211 -15.40 27.45 -1.35
N ARG A 212 -16.39 26.69 -1.82
CA ARG A 212 -17.78 27.19 -1.85
C ARG A 212 -18.39 26.96 -0.45
N ASN A 213 -17.84 27.65 0.55
CA ASN A 213 -18.21 27.53 1.98
C ASN A 213 -19.69 27.86 2.18
N ASP A 214 -20.26 28.71 1.34
CA ASP A 214 -21.61 29.29 1.56
C ASP A 214 -22.68 28.41 0.90
N GLU A 215 -22.31 27.50 0.00
CA GLU A 215 -23.27 26.51 -0.57
C GLU A 215 -22.53 25.17 -0.67
N PRO A 216 -22.26 24.49 0.47
CA PRO A 216 -21.47 23.25 0.45
C PRO A 216 -22.09 22.09 -0.33
N THR A 217 -23.43 21.99 -0.45
CA THR A 217 -24.07 20.87 -1.18
C THR A 217 -23.95 21.07 -2.68
N ARG A 218 -23.56 22.25 -3.16
CA ARG A 218 -23.45 22.60 -4.60
C ARG A 218 -21.99 22.66 -5.03
N ALA A 219 -21.05 22.40 -4.11
CA ALA A 219 -19.60 22.64 -4.28
C ALA A 219 -19.04 21.63 -5.29
N SER A 220 -19.36 20.35 -5.09
CA SER A 220 -18.90 19.21 -5.92
C SER A 220 -19.86 19.14 -7.11
N ARG A 221 -19.39 19.62 -8.26
CA ARG A 221 -20.25 19.81 -9.45
C ARG A 221 -19.44 19.32 -10.64
N PRO A 222 -19.26 17.98 -10.77
CA PRO A 222 -18.38 17.42 -11.78
C PRO A 222 -18.87 17.79 -13.19
N TRP A 223 -17.94 18.26 -14.02
CA TRP A 223 -18.11 18.70 -15.43
C TRP A 223 -18.93 20.00 -15.54
N ASP A 224 -19.34 20.62 -14.42
CA ASP A 224 -20.00 21.96 -14.44
C ASP A 224 -18.96 23.04 -14.68
N ARG A 225 -19.34 24.09 -15.40
CA ARG A 225 -18.41 25.19 -15.79
C ARG A 225 -17.92 25.96 -14.55
N ASP A 226 -18.61 25.89 -13.41
CA ASP A 226 -18.32 26.73 -12.22
C ASP A 226 -17.57 25.93 -11.14
N ARG A 227 -17.17 24.67 -11.40
CA ARG A 227 -16.44 23.78 -10.43
C ARG A 227 -15.13 24.43 -10.00
N ASP A 228 -14.75 24.35 -8.71
CA ASP A 228 -13.51 25.01 -8.22
C ASP A 228 -12.66 24.06 -7.36
N GLY A 229 -12.71 22.75 -7.61
CA GLY A 229 -11.89 21.76 -6.88
C GLY A 229 -12.73 20.69 -6.20
N PHE A 230 -12.08 19.74 -5.54
CA PHE A 230 -12.79 18.56 -5.02
C PHE A 230 -13.23 18.84 -3.59
N VAL A 231 -14.20 18.05 -3.15
CA VAL A 231 -14.76 18.08 -1.78
C VAL A 231 -14.21 16.87 -1.01
N LEU A 232 -13.54 17.13 0.11
CA LEU A 232 -12.98 16.08 0.99
C LEU A 232 -14.13 15.42 1.76
N SER A 233 -14.20 14.08 1.71
CA SER A 233 -15.21 13.23 2.39
C SER A 233 -14.53 12.02 3.06
N ASP A 234 -15.27 11.35 3.94
CA ASP A 234 -14.79 10.28 4.83
C ASP A 234 -15.66 9.06 4.59
N GLY A 235 -15.13 7.88 4.87
CA GLY A 235 -15.95 6.67 4.82
C GLY A 235 -15.15 5.46 4.45
N SER A 236 -15.87 4.41 4.05
N SER A 236 -15.85 4.38 4.09
CA SER A 236 -15.33 3.05 3.80
CA SER A 236 -15.23 3.09 3.74
C SER A 236 -16.16 2.31 2.76
C SER A 236 -16.14 2.29 2.80
N GLY A 237 -15.52 1.45 1.97
CA GLY A 237 -16.17 0.43 1.14
C GLY A 237 -15.41 -0.88 1.32
N ALA A 238 -16.14 -1.97 1.50
CA ALA A 238 -15.57 -3.33 1.46
C ALA A 238 -16.47 -4.21 0.58
N LEU A 239 -15.85 -5.13 -0.16
CA LEU A 239 -16.52 -6.17 -0.95
C LEU A 239 -15.90 -7.51 -0.59
N VAL A 240 -16.75 -8.54 -0.49
CA VAL A 240 -16.32 -9.95 -0.56
C VAL A 240 -16.27 -10.34 -2.02
N LEU A 241 -15.03 -10.55 -2.49
CA LEU A 241 -14.71 -11.15 -3.79
C LEU A 241 -14.60 -12.66 -3.53
N GLU A 242 -15.14 -13.47 -4.43
CA GLU A 242 -15.18 -14.93 -4.26
C GLU A 242 -14.98 -15.63 -5.60
N GLU A 243 -14.15 -16.67 -5.64
CA GLU A 243 -14.06 -17.56 -6.82
C GLU A 243 -15.47 -18.12 -7.09
N LEU A 244 -15.86 -18.23 -8.36
CA LEU A 244 -17.28 -18.46 -8.75
C LEU A 244 -17.76 -19.80 -8.17
N GLU A 245 -17.00 -20.88 -8.40
CA GLU A 245 -17.39 -22.29 -8.05
C GLU A 245 -17.56 -22.40 -6.52
N HIS A 246 -16.65 -21.81 -5.76
CA HIS A 246 -16.72 -21.69 -4.29
C HIS A 246 -18.02 -20.96 -3.92
N ALA A 247 -18.42 -19.93 -4.65
CA ALA A 247 -19.66 -19.19 -4.37
C ALA A 247 -20.88 -20.09 -4.68
N ARG A 248 -20.85 -20.76 -5.83
CA ARG A 248 -21.92 -21.68 -6.29
C ARG A 248 -22.07 -22.80 -5.26
N ALA A 249 -20.97 -23.49 -4.97
CA ALA A 249 -20.86 -24.66 -4.08
C ALA A 249 -21.49 -24.40 -2.70
N ARG A 250 -21.68 -23.14 -2.30
CA ARG A 250 -22.26 -22.82 -0.96
C ARG A 250 -23.58 -22.05 -1.11
N GLY A 251 -24.15 -21.98 -2.33
CA GLY A 251 -25.40 -21.25 -2.63
C GLY A 251 -25.34 -19.77 -2.25
N ALA A 252 -24.19 -19.10 -2.42
CA ALA A 252 -24.02 -17.65 -2.14
C ALA A 252 -24.88 -16.84 -3.13
N ARG A 253 -25.49 -15.76 -2.66
CA ARG A 253 -26.19 -14.79 -3.53
C ARG A 253 -25.07 -13.96 -4.18
N ILE A 254 -25.08 -13.88 -5.51
CA ILE A 254 -24.01 -13.25 -6.33
C ILE A 254 -24.57 -11.94 -6.91
N TYR A 255 -23.98 -10.78 -6.58
CA TYR A 255 -24.46 -9.45 -7.05
C TYR A 255 -24.08 -9.24 -8.52
N ALA A 256 -22.86 -9.65 -8.88
CA ALA A 256 -22.26 -9.40 -10.21
C ALA A 256 -20.92 -10.11 -10.29
N GLU A 257 -20.36 -10.03 -11.47
CA GLU A 257 -19.03 -10.58 -11.78
C GLU A 257 -18.05 -9.43 -11.97
N LEU A 258 -16.82 -9.64 -11.49
N LEU A 258 -16.82 -9.64 -11.50
CA LEU A 258 -15.64 -8.77 -11.76
CA LEU A 258 -15.64 -8.79 -11.76
C LEU A 258 -14.85 -9.42 -12.91
C LEU A 258 -14.84 -9.42 -12.91
N VAL A 259 -14.91 -8.83 -14.11
CA VAL A 259 -14.38 -9.47 -15.35
C VAL A 259 -13.06 -8.87 -15.78
N GLY A 260 -12.70 -7.68 -15.30
CA GLY A 260 -11.54 -6.96 -15.86
C GLY A 260 -10.96 -5.93 -14.90
N PHE A 261 -9.65 -5.83 -14.91
CA PHE A 261 -8.92 -4.84 -14.09
C PHE A 261 -7.71 -4.32 -14.86
N GLY A 262 -7.62 -2.98 -14.93
CA GLY A 262 -6.57 -2.23 -15.63
C GLY A 262 -5.84 -1.28 -14.69
N MET A 263 -4.54 -1.18 -14.89
CA MET A 263 -3.65 -0.18 -14.27
C MET A 263 -2.88 0.55 -15.38
N SER A 264 -2.50 1.81 -15.11
CA SER A 264 -1.49 2.55 -15.91
C SER A 264 -0.97 3.75 -15.11
N GLY A 265 0.23 4.21 -15.46
CA GLY A 265 0.85 5.47 -14.98
C GLY A 265 0.85 6.53 -16.07
N ASP A 266 0.43 7.76 -15.75
CA ASP A 266 0.44 8.91 -16.68
C ASP A 266 1.89 9.22 -17.08
N ALA A 267 2.83 9.01 -16.15
CA ALA A 267 4.21 9.54 -16.22
C ALA A 267 4.19 10.97 -16.77
N PHE A 268 3.33 11.84 -16.21
CA PHE A 268 3.11 13.23 -16.70
C PHE A 268 3.44 14.25 -15.60
N HIS A 269 2.70 14.23 -14.47
CA HIS A 269 2.79 15.23 -13.37
C HIS A 269 2.45 14.61 -11.99
N MET A 270 3.01 15.19 -10.92
CA MET A 270 2.87 14.70 -9.51
C MET A 270 1.41 14.75 -9.07
N THR A 271 0.59 15.68 -9.60
CA THR A 271 -0.78 16.02 -9.09
C THR A 271 -1.78 16.30 -10.23
N ALA A 272 -1.32 16.83 -11.37
CA ALA A 272 -2.21 17.19 -12.50
C ALA A 272 -2.32 15.99 -13.45
N PRO A 273 -3.54 15.61 -13.91
CA PRO A 273 -3.67 14.62 -14.99
C PRO A 273 -3.47 15.30 -16.34
N PRO A 274 -2.88 14.62 -17.35
CA PRO A 274 -2.72 15.21 -18.69
C PRO A 274 -4.08 15.52 -19.34
N GLU A 275 -4.09 16.57 -20.15
CA GLU A 275 -5.31 17.23 -20.69
C GLU A 275 -6.11 16.20 -21.50
N ASP A 276 -5.42 15.28 -22.19
CA ASP A 276 -5.94 14.25 -23.13
C ASP A 276 -6.51 13.02 -22.39
N GLY A 277 -6.07 12.74 -21.18
CA GLY A 277 -6.47 11.53 -20.44
C GLY A 277 -5.80 10.31 -21.03
N ALA A 278 -4.58 10.49 -21.55
CA ALA A 278 -3.80 9.46 -22.25
C ALA A 278 -3.63 8.24 -21.34
N GLY A 279 -3.14 8.45 -20.11
CA GLY A 279 -2.94 7.39 -19.10
C GLY A 279 -4.24 6.70 -18.72
N ALA A 280 -5.28 7.50 -18.46
CA ALA A 280 -6.65 7.02 -18.14
C ALA A 280 -7.14 6.14 -19.30
N ALA A 281 -6.91 6.58 -20.53
CA ALA A 281 -7.34 5.86 -21.76
C ALA A 281 -6.61 4.50 -21.82
N ARG A 282 -5.28 4.48 -21.66
CA ARG A 282 -4.44 3.24 -21.64
C ARG A 282 -4.99 2.28 -20.59
N CYS A 283 -5.40 2.81 -19.44
CA CYS A 283 -5.86 2.01 -18.28
C CYS A 283 -7.19 1.35 -18.62
N MET A 284 -8.16 2.16 -19.04
CA MET A 284 -9.48 1.63 -19.47
C MET A 284 -9.31 0.56 -20.56
N LYS A 285 -8.39 0.73 -21.52
CA LYS A 285 -8.19 -0.25 -22.62
C LYS A 285 -7.63 -1.55 -22.04
N ASN A 286 -6.67 -1.46 -21.12
CA ASN A 286 -6.14 -2.66 -20.42
C ASN A 286 -7.33 -3.41 -19.82
N ALA A 287 -8.20 -2.69 -19.12
CA ALA A 287 -9.34 -3.28 -18.39
C ALA A 287 -10.26 -4.01 -19.37
N LEU A 288 -10.59 -3.39 -20.52
CA LEU A 288 -11.53 -3.98 -21.49
C LEU A 288 -10.90 -5.21 -22.13
N ARG A 289 -9.61 -5.12 -22.47
CA ARG A 289 -8.87 -6.27 -23.05
C ARG A 289 -8.88 -7.43 -22.04
N ASP A 290 -8.49 -7.17 -20.77
CA ASP A 290 -8.53 -8.13 -19.63
C ASP A 290 -9.89 -8.80 -19.57
N ALA A 291 -10.95 -8.03 -19.77
CA ALA A 291 -12.36 -8.49 -19.64
C ALA A 291 -12.80 -9.18 -20.92
N GLY A 292 -11.99 -9.10 -21.98
CA GLY A 292 -12.28 -9.64 -23.31
C GLY A 292 -13.52 -9.00 -23.92
N LEU A 293 -13.70 -7.68 -23.77
CA LEU A 293 -14.92 -6.98 -24.22
C LEU A 293 -14.67 -6.09 -25.45
N ASP A 294 -15.69 -6.02 -26.29
CA ASP A 294 -15.93 -4.90 -27.24
C ASP A 294 -16.36 -3.70 -26.42
N PRO A 295 -15.65 -2.55 -26.52
CA PRO A 295 -16.03 -1.33 -25.81
C PRO A 295 -17.51 -0.92 -25.92
N ARG A 296 -18.18 -1.22 -27.04
CA ARG A 296 -19.60 -0.85 -27.21
C ARG A 296 -20.47 -1.63 -26.22
N GLN A 297 -19.92 -2.62 -25.50
CA GLN A 297 -20.67 -3.42 -24.49
C GLN A 297 -20.84 -2.61 -23.19
N VAL A 298 -19.92 -1.67 -22.96
CA VAL A 298 -19.94 -0.81 -21.76
C VAL A 298 -21.16 0.12 -21.81
N ASP A 299 -22.02 0.02 -20.79
CA ASP A 299 -23.34 0.68 -20.67
C ASP A 299 -23.30 1.82 -19.66
N TYR A 300 -22.56 1.65 -18.56
CA TYR A 300 -22.39 2.67 -17.49
C TYR A 300 -20.90 2.83 -17.13
N ILE A 301 -20.44 4.09 -17.02
CA ILE A 301 -19.13 4.38 -16.38
C ILE A 301 -19.38 5.21 -15.11
N ASN A 302 -18.93 4.71 -13.97
CA ASN A 302 -18.82 5.50 -12.72
C ASN A 302 -17.48 6.21 -12.81
N ALA A 303 -17.50 7.45 -13.25
CA ALA A 303 -16.29 8.26 -13.45
C ALA A 303 -15.61 8.49 -12.11
N HIS A 304 -14.33 8.86 -12.15
CA HIS A 304 -13.62 9.43 -11.01
C HIS A 304 -14.35 10.75 -10.66
N GLY A 305 -14.40 11.69 -11.62
CA GLY A 305 -15.24 12.90 -11.60
C GLY A 305 -15.09 13.70 -10.31
N THR A 306 -13.93 14.31 -10.11
CA THR A 306 -13.47 14.87 -8.80
C THR A 306 -14.06 16.27 -8.60
N SER A 307 -14.58 16.88 -9.67
CA SER A 307 -15.02 18.30 -9.73
C SER A 307 -13.80 19.23 -9.75
N THR A 308 -12.67 18.79 -10.34
CA THR A 308 -11.52 19.69 -10.65
C THR A 308 -11.55 20.12 -12.12
N PRO A 309 -11.09 21.36 -12.44
CA PRO A 309 -11.06 21.84 -13.82
C PRO A 309 -10.43 20.75 -14.71
N ALA A 310 -9.18 20.41 -14.42
CA ALA A 310 -8.31 19.58 -15.28
C ALA A 310 -8.74 18.10 -15.25
N GLY A 311 -9.02 17.54 -14.07
CA GLY A 311 -9.40 16.13 -13.89
C GLY A 311 -10.63 15.73 -14.69
N ASP A 312 -11.72 16.50 -14.57
CA ASP A 312 -13.03 16.20 -15.19
C ASP A 312 -12.91 16.17 -16.72
N ILE A 313 -12.22 17.14 -17.32
CA ILE A 313 -12.16 17.28 -18.81
C ILE A 313 -11.32 16.12 -19.37
N ALA A 314 -10.24 15.76 -18.68
CA ALA A 314 -9.33 14.67 -19.11
C ALA A 314 -10.12 13.34 -19.18
N GLU A 315 -10.98 13.06 -18.19
CA GLU A 315 -11.88 11.88 -18.27
C GLU A 315 -12.64 11.89 -19.58
N ILE A 316 -13.34 12.98 -19.90
CA ILE A 316 -14.19 13.09 -21.14
C ILE A 316 -13.36 12.69 -22.38
N ALA A 317 -12.20 13.31 -22.55
CA ALA A 317 -11.23 13.00 -23.62
C ALA A 317 -10.90 11.51 -23.55
N ALA A 318 -10.45 11.00 -22.39
CA ALA A 318 -10.08 9.59 -22.21
C ALA A 318 -11.24 8.73 -22.68
N VAL A 319 -12.46 9.07 -22.34
CA VAL A 319 -13.62 8.18 -22.66
C VAL A 319 -13.90 8.25 -24.16
N LYS A 320 -14.11 9.45 -24.70
CA LYS A 320 -14.31 9.67 -26.15
C LYS A 320 -13.22 8.91 -26.94
N SER A 321 -11.96 9.08 -26.54
CA SER A 321 -10.78 8.35 -27.08
C SER A 321 -10.97 6.82 -27.00
N VAL A 322 -11.37 6.27 -25.85
CA VAL A 322 -11.49 4.79 -25.69
C VAL A 322 -12.72 4.26 -26.46
N PHE A 323 -13.84 4.97 -26.40
CA PHE A 323 -15.18 4.44 -26.83
C PHE A 323 -15.68 5.13 -28.10
N GLY A 324 -14.82 5.86 -28.82
CA GLY A 324 -15.18 6.59 -30.05
C GLY A 324 -16.63 7.06 -30.01
N GLU A 325 -17.45 6.69 -31.01
CA GLU A 325 -18.82 7.23 -31.17
C GLU A 325 -19.71 6.62 -30.09
N HIS A 326 -19.35 5.46 -29.56
CA HIS A 326 -20.10 4.78 -28.48
C HIS A 326 -20.00 5.58 -27.16
N ALA A 327 -19.00 6.45 -27.02
CA ALA A 327 -18.95 7.45 -25.93
C ALA A 327 -20.31 8.16 -25.79
N HIS A 328 -21.02 8.39 -26.91
CA HIS A 328 -22.33 9.11 -26.93
C HIS A 328 -23.50 8.20 -26.53
N ALA A 329 -23.29 6.90 -26.36
CA ALA A 329 -24.37 5.92 -26.16
C ALA A 329 -24.39 5.43 -24.71
N LEU A 330 -23.23 5.20 -24.11
CA LEU A 330 -23.13 4.82 -22.67
C LEU A 330 -23.59 6.01 -21.81
N SER A 331 -23.86 5.77 -20.53
CA SER A 331 -24.12 6.80 -19.47
C SER A 331 -22.91 6.85 -18.54
N MET A 332 -22.36 8.04 -18.29
CA MET A 332 -21.24 8.23 -17.33
C MET A 332 -21.66 9.21 -16.23
N SER A 333 -21.46 8.87 -14.95
CA SER A 333 -21.74 9.80 -13.83
C SER A 333 -20.61 9.80 -12.79
N SER A 334 -20.55 10.87 -11.99
CA SER A 334 -19.70 11.00 -10.80
C SER A 334 -20.61 11.10 -9.58
N THR A 335 -20.67 10.04 -8.78
CA THR A 335 -21.44 9.95 -7.52
C THR A 335 -20.80 10.91 -6.50
N LYS A 336 -19.56 11.35 -6.75
CA LYS A 336 -18.83 12.39 -5.96
C LYS A 336 -19.56 13.74 -6.06
N SER A 337 -20.51 13.90 -6.98
CA SER A 337 -21.46 15.04 -6.96
C SER A 337 -22.23 15.05 -5.61
N MET A 338 -22.35 13.89 -4.95
CA MET A 338 -23.22 13.69 -3.77
C MET A 338 -22.40 13.31 -2.52
N THR A 339 -21.50 12.33 -2.66
CA THR A 339 -20.62 11.79 -1.58
C THR A 339 -19.43 12.70 -1.29
N GLY A 340 -19.02 13.48 -2.30
CA GLY A 340 -17.68 14.08 -2.37
C GLY A 340 -16.66 13.00 -2.66
N HIS A 341 -15.38 13.35 -2.52
CA HIS A 341 -14.20 12.50 -2.82
C HIS A 341 -13.68 11.87 -1.52
N LEU A 342 -13.91 10.58 -1.34
CA LEU A 342 -13.47 9.79 -0.16
C LEU A 342 -12.02 9.34 -0.34
N LEU A 343 -11.29 10.00 -1.24
CA LEU A 343 -9.85 9.70 -1.50
C LEU A 343 -9.62 8.19 -1.70
N GLY A 344 -8.85 7.56 -0.81
CA GLY A 344 -8.51 6.13 -0.86
C GLY A 344 -9.73 5.22 -0.77
N ALA A 345 -10.83 5.71 -0.19
CA ALA A 345 -12.12 4.98 -0.14
C ALA A 345 -12.95 5.22 -1.43
N ALA A 346 -12.63 6.23 -2.24
CA ALA A 346 -13.50 6.61 -3.40
C ALA A 346 -13.72 5.40 -4.35
N GLY A 347 -12.65 4.69 -4.73
CA GLY A 347 -12.71 3.52 -5.63
C GLY A 347 -13.54 2.39 -5.05
N ALA A 348 -13.54 2.26 -3.71
CA ALA A 348 -14.26 1.18 -2.99
C ALA A 348 -15.78 1.43 -2.97
N VAL A 349 -16.23 2.59 -2.48
CA VAL A 349 -17.68 2.94 -2.43
C VAL A 349 -18.20 3.02 -3.87
N GLU A 350 -17.37 3.46 -4.83
CA GLU A 350 -17.81 3.67 -6.23
C GLU A 350 -17.91 2.31 -6.94
N ALA A 351 -17.04 1.38 -6.55
CA ALA A 351 -17.11 -0.02 -7.02
C ALA A 351 -18.49 -0.58 -6.64
N ILE A 352 -18.94 -0.31 -5.41
CA ILE A 352 -20.24 -0.83 -4.88
C ILE A 352 -21.42 -0.19 -5.64
N PHE A 353 -21.39 1.11 -5.88
CA PHE A 353 -22.41 1.85 -6.66
C PHE A 353 -22.49 1.24 -8.06
N SER A 354 -21.36 0.80 -8.60
CA SER A 354 -21.27 0.27 -9.99
C SER A 354 -21.99 -1.08 -10.01
N VAL A 355 -21.77 -1.91 -8.99
CA VAL A 355 -22.42 -3.23 -8.80
C VAL A 355 -23.93 -3.03 -8.53
N LEU A 356 -24.35 -1.98 -7.83
CA LEU A 356 -25.80 -1.79 -7.54
C LEU A 356 -26.49 -1.20 -8.78
N ALA A 357 -25.77 -0.44 -9.58
CA ALA A 357 -26.21 0.05 -10.90
C ALA A 357 -26.60 -1.15 -11.77
N LEU A 358 -25.81 -2.22 -11.72
CA LEU A 358 -26.05 -3.47 -12.47
C LEU A 358 -27.27 -4.20 -11.90
N ARG A 359 -27.41 -4.30 -10.58
CA ARG A 359 -28.53 -5.03 -9.92
C ARG A 359 -29.87 -4.31 -10.15
N ASP A 360 -29.87 -2.96 -10.08
CA ASP A 360 -31.11 -2.14 -10.16
C ASP A 360 -31.27 -1.58 -11.58
N GLN A 361 -30.33 -1.77 -12.48
CA GLN A 361 -30.49 -1.33 -13.89
C GLN A 361 -30.80 0.17 -13.91
N VAL A 362 -30.01 0.96 -13.18
CA VAL A 362 -30.17 2.44 -13.13
C VAL A 362 -28.79 3.09 -13.04
N ALA A 363 -28.56 4.11 -13.86
CA ALA A 363 -27.43 5.05 -13.76
C ALA A 363 -27.78 6.11 -12.72
N PRO A 364 -26.93 6.21 -11.67
CA PRO A 364 -27.00 7.32 -10.73
C PRO A 364 -26.68 8.66 -11.38
N PRO A 365 -27.20 9.75 -10.79
CA PRO A 365 -27.00 11.11 -11.31
C PRO A 365 -25.63 11.74 -11.01
N THR A 366 -25.15 12.60 -11.89
CA THR A 366 -24.20 13.68 -11.55
C THR A 366 -25.03 14.91 -11.17
N ILE A 367 -25.18 15.22 -9.87
CA ILE A 367 -25.96 16.40 -9.40
C ILE A 367 -25.13 17.67 -9.57
N ASN A 368 -25.80 18.83 -9.56
CA ASN A 368 -25.18 20.18 -9.63
C ASN A 368 -24.62 20.46 -11.04
N LEU A 369 -24.92 19.60 -12.02
CA LEU A 369 -24.40 19.77 -13.41
C LEU A 369 -25.37 20.66 -14.17
N ASP A 370 -25.24 21.96 -13.99
CA ASP A 370 -26.23 22.99 -14.43
C ASP A 370 -25.88 23.45 -15.85
N ASN A 371 -24.60 23.76 -16.07
CA ASN A 371 -24.02 24.27 -17.33
C ASN A 371 -22.77 23.46 -17.60
N PRO A 372 -22.93 22.29 -18.25
CA PRO A 372 -21.80 21.47 -18.68
C PRO A 372 -20.75 22.35 -19.37
N ASP A 373 -19.48 22.03 -19.20
CA ASP A 373 -18.33 22.86 -19.63
C ASP A 373 -17.96 22.52 -21.06
N GLU A 374 -17.01 23.27 -21.61
CA GLU A 374 -16.51 23.08 -22.99
C GLU A 374 -16.17 21.59 -23.16
N GLY A 375 -16.89 20.91 -24.05
CA GLY A 375 -16.57 19.56 -24.56
C GLY A 375 -17.14 18.45 -23.68
N CYS A 376 -17.96 18.79 -22.70
CA CYS A 376 -18.59 17.83 -21.76
C CYS A 376 -19.99 17.51 -22.28
N ASP A 377 -20.09 16.88 -23.45
CA ASP A 377 -21.36 16.72 -24.22
C ASP A 377 -21.82 15.26 -24.23
N LEU A 378 -21.40 14.45 -23.26
CA LEU A 378 -21.85 13.04 -23.14
C LEU A 378 -23.12 12.98 -22.28
N ASP A 379 -23.77 11.82 -22.27
CA ASP A 379 -24.81 11.51 -21.25
C ASP A 379 -24.08 11.44 -19.91
N LEU A 380 -24.11 12.52 -19.13
CA LEU A 380 -23.45 12.57 -17.80
C LEU A 380 -24.51 12.37 -16.71
N VAL A 381 -25.74 12.06 -17.11
CA VAL A 381 -26.89 11.76 -16.20
C VAL A 381 -27.09 12.96 -15.27
N ALA A 382 -27.26 14.15 -15.86
CA ALA A 382 -27.42 15.42 -15.12
C ALA A 382 -28.68 15.31 -14.25
N HIS A 383 -28.56 15.63 -12.95
CA HIS A 383 -29.67 16.01 -12.04
C HIS A 383 -30.34 14.77 -11.44
N GLU A 384 -30.78 13.83 -12.27
CA GLU A 384 -31.72 12.75 -11.88
C GLU A 384 -31.22 11.37 -12.37
N ALA A 385 -31.35 10.35 -11.50
CA ALA A 385 -31.08 8.94 -11.81
C ALA A 385 -31.77 8.59 -13.12
N LYS A 386 -31.14 7.76 -13.97
CA LYS A 386 -31.69 7.34 -15.29
C LYS A 386 -31.84 5.82 -15.32
N PRO A 387 -33.06 5.27 -15.11
CA PRO A 387 -33.28 3.85 -15.39
C PRO A 387 -32.81 3.58 -16.82
N ARG A 388 -32.12 2.44 -17.04
CA ARG A 388 -31.63 2.03 -18.38
C ARG A 388 -31.00 0.64 -18.33
N LYS A 389 -30.77 0.04 -19.51
CA LYS A 389 -30.06 -1.26 -19.66
C LYS A 389 -28.57 -1.06 -19.33
N ILE A 390 -28.08 -1.79 -18.32
CA ILE A 390 -26.66 -1.80 -17.90
C ILE A 390 -26.22 -3.27 -17.78
N ASP A 391 -25.54 -3.79 -18.79
CA ASP A 391 -24.97 -5.17 -18.70
C ASP A 391 -23.52 -5.11 -18.17
N VAL A 392 -22.77 -4.10 -18.56
CA VAL A 392 -21.31 -3.99 -18.24
C VAL A 392 -21.06 -2.61 -17.66
N ALA A 393 -20.49 -2.53 -16.46
CA ALA A 393 -20.25 -1.25 -15.76
C ALA A 393 -18.76 -1.13 -15.48
N LEU A 394 -18.30 0.12 -15.39
N LEU A 394 -18.26 0.10 -15.57
CA LEU A 394 -16.86 0.46 -15.32
CA LEU A 394 -16.85 0.47 -15.32
C LEU A 394 -16.64 1.54 -14.26
C LEU A 394 -16.78 1.37 -14.08
N SER A 395 -15.64 1.35 -13.39
CA SER A 395 -15.32 2.31 -12.33
C SER A 395 -13.87 2.72 -12.53
N ASN A 396 -13.67 4.02 -12.73
CA ASN A 396 -12.32 4.60 -12.87
C ASN A 396 -11.93 5.31 -11.58
N SER A 397 -10.63 5.34 -11.36
CA SER A 397 -9.98 6.16 -10.33
C SER A 397 -8.63 6.61 -10.90
N PHE A 398 -8.25 7.86 -10.57
N PHE A 398 -8.30 7.89 -10.72
CA PHE A 398 -7.00 8.55 -10.97
CA PHE A 398 -6.94 8.46 -10.98
C PHE A 398 -6.43 9.26 -9.74
C PHE A 398 -6.44 9.09 -9.68
N GLY A 399 -5.12 9.16 -9.48
CA GLY A 399 -4.52 9.62 -8.21
C GLY A 399 -3.25 10.37 -8.46
N PHE A 400 -2.75 11.06 -7.44
CA PHE A 400 -1.41 11.69 -7.42
C PHE A 400 -0.37 10.62 -7.76
N GLY A 401 0.73 11.04 -8.43
CA GLY A 401 1.73 10.15 -9.06
C GLY A 401 1.31 9.73 -10.46
N GLY A 402 0.14 10.18 -10.93
CA GLY A 402 -0.41 9.77 -12.23
C GLY A 402 -0.81 8.30 -12.29
N THR A 403 -1.21 7.73 -11.16
N THR A 403 -1.18 7.76 -11.13
CA THR A 403 -1.56 6.29 -11.02
CA THR A 403 -1.65 6.37 -10.92
C THR A 403 -3.04 6.09 -11.32
C THR A 403 -3.08 6.24 -11.45
N ASN A 404 -3.34 5.25 -12.31
CA ASN A 404 -4.71 4.98 -12.84
C ASN A 404 -5.16 3.54 -12.49
N GLY A 405 -6.45 3.34 -12.23
CA GLY A 405 -7.06 2.01 -12.03
C GLY A 405 -8.45 1.96 -12.65
N THR A 406 -8.78 0.84 -13.30
CA THR A 406 -10.13 0.61 -13.88
C THR A 406 -10.63 -0.77 -13.46
N LEU A 407 -11.89 -0.84 -13.02
CA LEU A 407 -12.61 -2.09 -12.70
C LEU A 407 -13.77 -2.27 -13.69
N VAL A 408 -13.95 -3.49 -14.21
CA VAL A 408 -15.08 -3.87 -15.08
C VAL A 408 -15.92 -4.94 -14.38
N PHE A 409 -17.19 -4.62 -14.15
CA PHE A 409 -18.21 -5.56 -13.62
C PHE A 409 -19.23 -5.83 -14.73
N ARG A 410 -19.91 -6.97 -14.67
CA ARG A 410 -21.04 -7.26 -15.59
C ARG A 410 -22.07 -8.10 -14.82
N ARG A 411 -23.32 -8.08 -15.28
CA ARG A 411 -24.38 -8.96 -14.74
C ARG A 411 -23.88 -10.41 -14.83
N PHE A 412 -24.22 -11.24 -13.84
CA PHE A 412 -23.91 -12.69 -13.80
C PHE A 412 -25.23 -13.48 -13.93
N ALA A 413 -25.26 -14.57 -14.71
CA ALA A 413 -26.43 -15.50 -14.77
C ALA A 413 -26.04 -16.90 -14.25
N SER B 2 0.64 -21.25 -17.89
CA SER B 2 2.04 -21.25 -17.45
C SER B 2 2.54 -19.80 -17.37
N ARG B 3 3.55 -19.61 -16.52
CA ARG B 3 3.98 -18.33 -15.92
C ARG B 3 5.34 -17.97 -16.46
N ARG B 4 5.64 -16.69 -16.62
CA ARG B 4 6.97 -16.24 -17.16
C ARG B 4 7.99 -16.17 -16.02
N ARG B 5 9.25 -16.49 -16.33
CA ARG B 5 10.31 -16.49 -15.32
C ARG B 5 10.76 -15.04 -15.12
N VAL B 6 11.14 -14.69 -13.88
CA VAL B 6 11.45 -13.30 -13.45
C VAL B 6 12.86 -13.32 -12.87
N VAL B 7 13.74 -12.47 -13.38
CA VAL B 7 15.13 -12.39 -12.87
C VAL B 7 15.41 -10.98 -12.39
N ILE B 8 16.47 -10.85 -11.57
CA ILE B 8 17.04 -9.57 -11.06
C ILE B 8 18.22 -9.16 -11.96
N THR B 9 18.12 -7.97 -12.55
CA THR B 9 19.11 -7.40 -13.51
C THR B 9 19.74 -6.12 -12.98
N GLY B 10 19.20 -5.53 -11.91
CA GLY B 10 19.71 -4.30 -11.27
C GLY B 10 19.30 -4.19 -9.81
N MET B 11 20.15 -3.59 -8.98
CA MET B 11 19.89 -3.41 -7.53
C MET B 11 20.47 -2.07 -7.10
N GLY B 12 19.82 -1.45 -6.12
CA GLY B 12 20.15 -0.11 -5.59
C GLY B 12 19.77 -0.01 -4.12
N MET B 13 20.56 0.74 -3.34
CA MET B 13 20.43 0.78 -1.86
C MET B 13 20.98 2.08 -1.27
N LEU B 14 20.30 2.65 -0.28
CA LEU B 14 20.95 3.46 0.78
C LEU B 14 20.73 2.71 2.10
N SER B 15 21.78 2.45 2.89
CA SER B 15 21.62 1.79 4.21
C SER B 15 22.54 2.45 5.23
N PRO B 16 22.37 2.14 6.53
CA PRO B 16 23.34 2.56 7.53
C PRO B 16 24.79 2.05 7.31
N LEU B 17 24.99 1.07 6.43
CA LEU B 17 26.34 0.51 6.11
C LEU B 17 26.95 1.19 4.88
N GLY B 18 26.16 1.86 4.05
CA GLY B 18 26.72 2.63 2.92
C GLY B 18 25.69 3.22 1.99
N LEU B 19 26.17 4.05 1.05
CA LEU B 19 25.36 4.87 0.11
C LEU B 19 25.08 4.13 -1.21
N ASP B 20 25.47 2.86 -1.31
CA ASP B 20 25.12 1.98 -2.46
C ASP B 20 25.25 0.51 -2.05
N VAL B 21 25.05 -0.40 -3.02
CA VAL B 21 25.07 -1.85 -2.75
C VAL B 21 26.48 -2.31 -2.39
N PRO B 22 27.52 -2.16 -3.23
CA PRO B 22 28.82 -2.74 -2.92
C PRO B 22 29.33 -2.27 -1.56
N SER B 23 29.18 -0.99 -1.25
CA SER B 23 29.65 -0.40 0.04
C SER B 23 28.89 -1.10 1.16
N SER B 24 27.56 -1.11 1.11
CA SER B 24 26.65 -1.81 2.04
C SER B 24 27.15 -3.25 2.25
N TRP B 25 27.26 -4.00 1.16
CA TRP B 25 27.58 -5.46 1.15
C TRP B 25 28.97 -5.75 1.72
N GLU B 26 29.93 -4.83 1.56
CA GLU B 26 31.30 -4.87 2.15
C GLU B 26 31.19 -4.81 3.68
N GLY B 27 30.36 -3.89 4.18
CA GLY B 27 29.97 -3.78 5.61
C GLY B 27 29.39 -5.07 6.14
N ILE B 28 28.42 -5.65 5.45
CA ILE B 28 27.68 -6.88 5.86
C ILE B 28 28.68 -8.03 6.05
N LEU B 29 29.57 -8.23 5.08
CA LEU B 29 30.50 -9.39 5.07
C LEU B 29 31.60 -9.20 6.13
N ALA B 30 32.11 -7.98 6.32
CA ALA B 30 33.08 -7.64 7.39
C ALA B 30 32.41 -7.62 8.78
N GLY B 31 31.10 -7.79 8.87
CA GLY B 31 30.36 -7.78 10.15
C GLY B 31 30.35 -6.40 10.79
N ARG B 32 30.50 -5.33 10.03
CA ARG B 32 30.48 -3.95 10.56
C ARG B 32 29.03 -3.57 10.97
N SER B 33 28.87 -2.52 11.80
CA SER B 33 27.59 -2.03 12.36
C SER B 33 27.34 -0.63 11.83
N GLY B 34 26.10 -0.33 11.45
CA GLY B 34 25.67 1.00 10.94
C GLY B 34 25.03 1.81 12.04
N ILE B 35 25.11 1.32 13.28
CA ILE B 35 24.31 1.87 14.41
C ILE B 35 25.18 2.83 15.24
N ALA B 36 24.57 3.96 15.60
CA ALA B 36 25.26 5.10 16.23
C ALA B 36 24.26 6.08 16.81
N PRO B 37 24.66 6.90 17.81
CA PRO B 37 23.78 7.94 18.34
C PRO B 37 23.27 8.80 17.19
N ILE B 38 21.98 9.07 17.19
CA ILE B 38 21.31 9.94 16.18
C ILE B 38 21.74 11.38 16.48
N GLU B 39 22.05 12.15 15.43
CA GLU B 39 22.61 13.52 15.54
C GLU B 39 21.64 14.55 14.94
N HIS B 40 22.02 15.83 15.10
CA HIS B 40 21.28 17.04 14.66
C HIS B 40 19.80 16.80 15.00
N MET B 41 19.53 16.60 16.30
CA MET B 41 18.21 16.17 16.85
C MET B 41 18.37 15.81 18.34
N ASP B 42 17.68 16.57 19.21
CA ASP B 42 17.76 16.49 20.70
C ASP B 42 16.87 15.34 21.19
N LEU B 43 17.48 14.17 21.47
CA LEU B 43 16.78 12.95 21.95
C LEU B 43 16.92 12.79 23.48
N SER B 44 17.12 13.90 24.20
CA SER B 44 17.36 13.95 25.67
C SER B 44 16.21 13.25 26.42
N ALA B 45 14.95 13.56 26.06
CA ALA B 45 13.72 13.10 26.76
C ALA B 45 13.33 11.68 26.34
N TYR B 46 14.20 10.96 25.61
CA TYR B 46 13.90 9.69 24.88
C TYR B 46 14.67 8.54 25.53
N SER B 47 14.07 7.35 25.60
CA SER B 47 14.71 6.15 26.21
C SER B 47 15.69 5.52 25.21
N THR B 48 15.53 5.82 23.92
CA THR B 48 16.44 5.40 22.81
C THR B 48 17.07 6.64 22.13
N ARG B 49 18.40 6.65 21.98
CA ARG B 49 19.19 7.83 21.53
C ARG B 49 20.05 7.45 20.32
N PHE B 50 19.84 6.28 19.74
CA PHE B 50 20.66 5.75 18.63
C PHE B 50 19.80 4.99 17.61
N GLY B 51 20.44 4.61 16.49
CA GLY B 51 19.83 3.89 15.35
C GLY B 51 20.73 3.90 14.13
N GLY B 52 20.24 3.35 13.01
CA GLY B 52 20.98 3.31 11.73
C GLY B 52 20.61 4.49 10.85
N SER B 53 21.39 5.56 10.85
CA SER B 53 21.24 6.72 9.93
C SER B 53 21.86 6.41 8.57
N VAL B 54 21.38 7.06 7.53
CA VAL B 54 22.12 7.14 6.22
C VAL B 54 23.13 8.28 6.34
N LYS B 55 24.40 7.96 6.21
CA LYS B 55 25.51 8.91 6.49
C LYS B 55 26.09 9.42 5.16
N GLY B 56 25.93 10.72 4.90
CA GLY B 56 26.58 11.44 3.80
C GLY B 56 25.73 11.47 2.52
N PHE B 57 24.42 11.20 2.61
CA PHE B 57 23.52 11.16 1.44
C PHE B 57 23.54 12.53 0.76
N ASN B 58 23.74 12.55 -0.57
CA ASN B 58 23.86 13.76 -1.41
C ASN B 58 22.80 13.67 -2.50
N VAL B 59 21.57 14.09 -2.19
CA VAL B 59 20.35 14.01 -3.06
C VAL B 59 20.54 14.78 -4.38
N GLU B 60 21.50 15.71 -4.45
CA GLU B 60 21.74 16.55 -5.65
C GLU B 60 22.46 15.72 -6.72
N GLU B 61 22.99 14.54 -6.34
CA GLU B 61 23.41 13.49 -7.30
C GLU B 61 22.19 12.95 -8.05
N TYR B 62 20.98 13.11 -7.51
CA TYR B 62 19.72 12.50 -8.03
C TYR B 62 18.81 13.61 -8.55
N LEU B 63 18.59 14.65 -7.76
CA LEU B 63 17.54 15.67 -8.04
C LEU B 63 18.16 17.06 -7.98
N SER B 64 17.55 18.04 -8.62
CA SER B 64 17.84 19.48 -8.36
C SER B 64 17.47 19.79 -6.91
N ALA B 65 17.94 20.90 -6.37
CA ALA B 65 17.65 21.29 -4.97
C ALA B 65 16.19 21.76 -4.87
N LYS B 66 15.65 22.27 -5.97
CA LYS B 66 14.21 22.62 -6.00
C LYS B 66 13.41 21.35 -5.71
N GLU B 67 13.61 20.29 -6.50
N GLU B 67 13.61 20.33 -6.56
CA GLU B 67 12.75 19.07 -6.43
CA GLU B 67 12.93 19.00 -6.52
C GLU B 67 13.03 18.29 -5.13
C GLU B 67 13.04 18.39 -5.12
N ALA B 68 14.26 18.31 -4.60
CA ALA B 68 14.58 17.64 -3.31
C ALA B 68 13.92 18.37 -2.13
N ARG B 69 13.77 19.70 -2.18
CA ARG B 69 13.10 20.49 -1.10
C ARG B 69 11.61 20.12 -1.01
N LYS B 70 10.99 19.66 -2.11
CA LYS B 70 9.53 19.37 -2.20
C LYS B 70 9.22 18.00 -1.58
N LEU B 71 10.23 17.15 -1.36
CA LEU B 71 10.04 15.68 -1.12
C LEU B 71 10.56 15.28 0.26
N ASP B 72 9.77 14.48 0.98
CA ASP B 72 10.22 13.89 2.27
C ASP B 72 11.47 13.03 2.02
N LEU B 73 12.41 13.03 2.97
CA LEU B 73 13.67 12.25 2.89
C LEU B 73 13.36 10.82 2.42
N PHE B 74 12.23 10.20 2.82
CA PHE B 74 11.94 8.77 2.56
C PHE B 74 11.70 8.55 1.06
N ILE B 75 11.16 9.56 0.37
CA ILE B 75 11.02 9.60 -1.12
C ILE B 75 12.40 9.79 -1.77
N GLN B 76 13.19 10.73 -1.26
CA GLN B 76 14.58 10.97 -1.73
C GLN B 76 15.33 9.64 -1.71
N TYR B 77 15.22 8.88 -0.62
CA TYR B 77 15.99 7.64 -0.40
C TYR B 77 15.54 6.57 -1.39
N GLY B 78 14.22 6.48 -1.65
CA GLY B 78 13.66 5.49 -2.59
C GLY B 78 14.01 5.79 -4.03
N LEU B 79 14.03 7.10 -4.39
CA LEU B 79 14.37 7.59 -5.75
C LEU B 79 15.84 7.26 -5.99
N ALA B 80 16.69 7.53 -5.02
CA ALA B 80 18.14 7.20 -5.07
C ALA B 80 18.34 5.70 -5.29
N ALA B 81 17.60 4.86 -4.57
CA ALA B 81 17.71 3.39 -4.73
C ALA B 81 17.16 3.00 -6.10
N SER B 82 16.03 3.53 -6.54
CA SER B 82 15.46 3.24 -7.88
C SER B 82 16.44 3.65 -8.98
N PHE B 83 16.95 4.88 -8.95
CA PHE B 83 17.86 5.39 -10.00
C PHE B 83 19.10 4.52 -10.03
N GLN B 84 19.63 4.13 -8.87
CA GLN B 84 20.80 3.23 -8.79
C GLN B 84 20.46 1.95 -9.56
N ALA B 85 19.30 1.38 -9.22
CA ALA B 85 18.86 0.04 -9.68
C ALA B 85 18.69 0.07 -11.20
N VAL B 86 17.98 1.09 -11.71
CA VAL B 86 17.78 1.26 -13.17
C VAL B 86 19.16 1.43 -13.84
N ARG B 87 19.99 2.34 -13.37
CA ARG B 87 21.39 2.48 -13.86
C ARG B 87 22.05 1.10 -13.86
N ASP B 88 22.07 0.43 -12.72
CA ASP B 88 22.74 -0.88 -12.56
C ASP B 88 22.20 -1.89 -13.59
N SER B 89 20.96 -1.76 -14.07
CA SER B 89 20.36 -2.79 -14.96
C SER B 89 20.83 -2.62 -16.42
N GLY B 90 21.36 -1.44 -16.77
CA GLY B 90 21.65 -1.04 -18.15
C GLY B 90 20.38 -0.87 -18.99
N LEU B 91 19.18 -0.96 -18.42
CA LEU B 91 17.89 -0.88 -19.15
C LEU B 91 17.78 0.43 -19.93
N GLU B 92 17.28 0.39 -21.16
CA GLU B 92 16.94 1.62 -21.94
C GLU B 92 15.44 1.76 -22.09
N VAL B 93 14.87 2.82 -21.54
CA VAL B 93 13.42 3.14 -21.70
C VAL B 93 13.24 3.79 -23.08
N THR B 94 12.19 3.37 -23.81
CA THR B 94 11.87 3.82 -25.18
C THR B 94 10.35 3.93 -25.30
N ASP B 95 9.87 4.64 -26.31
CA ASP B 95 8.41 4.73 -26.59
C ASP B 95 7.86 3.32 -26.79
N ALA B 96 8.70 2.38 -27.25
CA ALA B 96 8.32 1.00 -27.60
C ALA B 96 8.16 0.14 -26.34
N ASN B 97 8.85 0.41 -25.25
CA ASN B 97 8.77 -0.48 -24.06
C ASN B 97 8.22 0.23 -22.84
N ARG B 98 8.01 1.55 -22.90
CA ARG B 98 7.70 2.37 -21.69
C ARG B 98 6.35 1.93 -21.07
N GLU B 99 5.43 1.38 -21.85
CA GLU B 99 4.12 0.90 -21.32
C GLU B 99 4.27 -0.43 -20.58
N ARG B 100 5.46 -1.05 -20.62
CA ARG B 100 5.72 -2.39 -20.04
C ARG B 100 6.67 -2.26 -18.85
N ILE B 101 6.96 -1.02 -18.43
CA ILE B 101 7.84 -0.77 -17.25
C ILE B 101 6.99 -0.05 -16.21
N GLY B 102 6.84 -0.67 -15.03
CA GLY B 102 6.04 -0.17 -13.90
C GLY B 102 6.91 -0.09 -12.69
N VAL B 103 6.33 0.37 -11.58
N VAL B 103 6.33 0.31 -11.56
CA VAL B 103 7.02 0.64 -10.28
CA VAL B 103 7.06 0.57 -10.29
C VAL B 103 6.11 0.22 -9.12
C VAL B 103 6.14 0.28 -9.11
N SER B 104 6.69 -0.42 -8.11
CA SER B 104 6.01 -0.76 -6.84
C SER B 104 7.03 -0.51 -5.74
N MET B 105 7.23 0.76 -5.40
CA MET B 105 8.11 1.15 -4.27
C MET B 105 7.22 1.52 -3.07
N GLY B 106 7.38 0.80 -1.96
CA GLY B 106 6.51 0.97 -0.78
C GLY B 106 7.21 1.65 0.37
N SER B 107 6.48 1.90 1.47
CA SER B 107 6.98 2.42 2.77
C SER B 107 6.03 1.93 3.89
N GLY B 108 6.57 1.69 5.09
CA GLY B 108 5.78 1.27 6.25
C GLY B 108 4.94 2.41 6.78
N ILE B 109 5.57 3.59 6.92
CA ILE B 109 5.07 4.79 7.68
C ILE B 109 5.03 6.03 6.79
N GLY B 110 5.95 6.17 5.84
CA GLY B 110 5.90 7.28 4.86
C GLY B 110 6.53 8.53 5.41
N GLY B 111 5.90 9.69 5.19
CA GLY B 111 6.55 11.00 5.37
C GLY B 111 6.44 11.59 6.76
N LEU B 112 6.83 10.85 7.81
CA LEU B 112 6.72 11.33 9.21
C LEU B 112 7.43 12.68 9.38
N THR B 113 8.70 12.80 8.97
CA THR B 113 9.55 14.02 9.14
C THR B 113 8.82 15.28 8.64
N ASN B 114 8.18 15.20 7.47
N ASN B 114 8.20 15.18 7.46
CA ASN B 114 7.42 16.33 6.85
CA ASN B 114 7.39 16.26 6.80
C ASN B 114 6.12 16.58 7.64
C ASN B 114 6.15 16.56 7.65
N ILE B 115 5.48 15.52 8.16
CA ILE B 115 4.24 15.65 8.99
C ILE B 115 4.58 16.38 10.28
N GLU B 116 5.68 16.00 10.93
CA GLU B 116 6.27 16.69 12.11
C GLU B 116 6.47 18.19 11.81
N ASN B 117 7.19 18.52 10.74
CA ASN B 117 7.58 19.91 10.40
C ASN B 117 6.33 20.72 10.02
N ASN B 118 5.41 20.17 9.24
CA ASN B 118 4.17 20.86 8.82
C ASN B 118 3.22 21.01 10.01
N CYS B 119 3.30 20.08 10.97
CA CYS B 119 2.58 20.15 12.26
C CYS B 119 3.07 21.34 13.07
N ARG B 120 4.39 21.44 13.27
CA ARG B 120 5.05 22.61 13.92
C ARG B 120 4.40 23.87 13.33
N SER B 121 4.44 24.04 12.02
CA SER B 121 3.82 25.17 11.28
C SER B 121 2.35 25.36 11.71
N LEU B 122 1.55 24.31 11.66
CA LEU B 122 0.07 24.34 11.86
C LEU B 122 -0.26 24.81 13.29
N PHE B 123 0.36 24.24 14.30
CA PHE B 123 0.10 24.57 15.73
C PHE B 123 0.61 25.98 16.07
N GLU B 124 1.84 26.31 15.66
CA GLU B 124 2.50 27.59 16.02
C GLU B 124 1.78 28.77 15.35
N GLN B 125 1.56 28.68 14.03
N GLN B 125 1.61 28.78 14.03
CA GLN B 125 1.21 29.81 13.13
CA GLN B 125 1.02 29.96 13.30
C GLN B 125 -0.14 29.57 12.42
C GLN B 125 -0.16 29.58 12.40
N GLY B 126 -0.73 28.38 12.53
CA GLY B 126 -1.99 28.03 11.81
C GLY B 126 -1.80 27.44 10.40
N PRO B 127 -2.92 27.07 9.74
CA PRO B 127 -2.88 26.29 8.49
C PRO B 127 -2.26 26.96 7.26
N ARG B 128 -2.05 28.28 7.32
CA ARG B 128 -1.61 29.08 6.16
C ARG B 128 -0.13 28.85 5.94
N ARG B 129 0.60 28.29 6.91
CA ARG B 129 2.06 28.08 6.77
C ARG B 129 2.36 26.68 6.23
N ILE B 130 1.35 25.83 6.06
CA ILE B 130 1.52 24.46 5.49
C ILE B 130 2.01 24.59 4.04
N SER B 131 3.05 23.83 3.67
CA SER B 131 3.60 23.76 2.29
C SER B 131 2.53 23.30 1.29
N PRO B 132 2.47 23.95 0.11
CA PRO B 132 1.60 23.48 -0.96
C PRO B 132 1.92 22.02 -1.34
N PHE B 133 3.21 21.63 -1.24
CA PHE B 133 3.75 20.30 -1.64
C PHE B 133 3.75 19.32 -0.47
N PHE B 134 3.11 19.69 0.65
CA PHE B 134 2.98 18.83 1.86
C PHE B 134 2.41 17.46 1.49
N VAL B 135 1.24 17.42 0.84
CA VAL B 135 0.53 16.13 0.57
C VAL B 135 1.33 15.26 -0.42
N PRO B 136 1.58 15.76 -1.65
CA PRO B 136 2.34 14.97 -2.63
C PRO B 136 3.82 14.78 -2.27
N GLY B 137 4.37 15.53 -1.32
CA GLY B 137 5.78 15.39 -0.91
C GLY B 137 5.96 14.34 0.16
N SER B 138 4.88 13.69 0.60
CA SER B 138 4.82 13.00 1.91
C SER B 138 4.14 11.64 1.82
N ILE B 139 3.31 11.41 0.82
CA ILE B 139 2.47 10.19 0.71
C ILE B 139 3.26 9.06 0.05
N ILE B 140 2.97 7.83 0.44
CA ILE B 140 3.84 6.65 0.24
C ILE B 140 4.01 6.33 -1.26
N ASN B 141 2.98 6.59 -2.07
CA ASN B 141 2.97 6.19 -3.50
C ASN B 141 3.79 7.14 -4.36
N MET B 142 4.41 8.18 -3.78
CA MET B 142 5.10 9.23 -4.57
C MET B 142 6.53 8.80 -4.91
N VAL B 143 7.09 7.75 -4.30
CA VAL B 143 8.34 7.17 -4.88
C VAL B 143 7.95 6.58 -6.25
N SER B 144 6.93 5.72 -6.30
CA SER B 144 6.40 5.20 -7.59
C SER B 144 6.00 6.38 -8.48
N GLY B 145 5.18 7.31 -7.99
CA GLY B 145 4.80 8.52 -8.75
C GLY B 145 5.99 9.25 -9.39
N PHE B 146 6.94 9.76 -8.58
CA PHE B 146 8.03 10.64 -9.06
C PHE B 146 8.92 9.80 -9.99
N LEU B 147 9.18 8.54 -9.67
CA LEU B 147 10.12 7.72 -10.48
C LEU B 147 9.53 7.57 -11.88
N SER B 148 8.24 7.24 -11.95
N SER B 148 8.25 7.21 -11.93
CA SER B 148 7.49 7.06 -13.23
CA SER B 148 7.43 7.09 -13.16
C SER B 148 7.58 8.35 -14.05
C SER B 148 7.60 8.35 -14.02
N ILE B 149 7.45 9.53 -13.41
CA ILE B 149 7.50 10.84 -14.12
C ILE B 149 8.93 11.12 -14.60
N HIS B 150 9.94 10.89 -13.78
CA HIS B 150 11.34 11.14 -14.19
C HIS B 150 11.70 10.21 -15.37
N LEU B 151 11.32 8.94 -15.35
CA LEU B 151 11.87 7.99 -16.36
C LEU B 151 10.83 7.73 -17.46
N GLY B 152 9.62 8.27 -17.38
CA GLY B 152 8.54 7.97 -18.33
C GLY B 152 8.02 6.53 -18.24
N LEU B 153 7.84 6.01 -17.02
CA LEU B 153 7.32 4.62 -16.84
C LEU B 153 5.80 4.67 -16.83
N GLN B 154 5.18 3.94 -17.76
CA GLN B 154 3.71 3.94 -17.94
C GLN B 154 3.13 2.56 -17.54
N GLY B 155 3.94 1.68 -16.95
CA GLY B 155 3.50 0.36 -16.48
C GLY B 155 2.66 0.45 -15.19
N PRO B 156 2.23 -0.70 -14.64
CA PRO B 156 1.57 -0.73 -13.34
C PRO B 156 2.35 0.13 -12.35
N ASN B 157 1.69 1.14 -11.78
N ASN B 157 1.66 1.11 -11.75
CA ASN B 157 2.31 2.10 -10.84
CA ASN B 157 2.25 2.13 -10.84
C ASN B 157 1.53 2.08 -9.51
C ASN B 157 1.52 2.09 -9.50
N TYR B 158 2.14 1.52 -8.47
CA TYR B 158 1.49 1.33 -7.16
C TYR B 158 2.53 1.33 -6.03
N ALA B 159 2.02 1.25 -4.80
CA ALA B 159 2.80 1.16 -3.55
C ALA B 159 2.07 0.29 -2.53
N LEU B 160 2.80 -0.58 -1.87
CA LEU B 160 2.29 -1.33 -0.70
C LEU B 160 2.66 -0.53 0.57
N THR B 161 1.94 -0.77 1.64
CA THR B 161 2.32 -0.39 3.02
C THR B 161 1.82 -1.54 3.90
N THR B 162 2.70 -2.50 4.20
CA THR B 162 2.41 -3.66 5.09
C THR B 162 3.46 -3.68 6.20
N ALA B 163 3.60 -2.53 6.88
CA ALA B 163 4.55 -2.30 7.98
C ALA B 163 5.93 -2.80 7.56
N GLN B 164 6.52 -3.67 8.38
CA GLN B 164 7.88 -4.25 8.26
C GLN B 164 7.90 -5.33 7.18
N THR B 165 6.78 -5.57 6.49
CA THR B 165 6.70 -6.59 5.42
C THR B 165 6.66 -5.87 4.06
N THR B 166 6.61 -4.53 4.05
CA THR B 166 6.40 -3.71 2.84
C THR B 166 7.39 -4.16 1.75
N GLY B 167 8.68 -4.20 2.07
CA GLY B 167 9.74 -4.45 1.07
C GLY B 167 9.58 -5.80 0.38
N THR B 168 9.17 -6.81 1.14
CA THR B 168 9.07 -8.21 0.68
C THR B 168 7.84 -8.33 -0.20
N HIS B 169 6.75 -7.70 0.22
CA HIS B 169 5.46 -7.79 -0.52
C HIS B 169 5.60 -7.03 -1.86
N SER B 170 6.19 -5.85 -1.81
CA SER B 170 6.46 -4.99 -2.99
C SER B 170 7.14 -5.81 -4.08
N ILE B 171 8.19 -6.52 -3.71
CA ILE B 171 9.03 -7.23 -4.71
C ILE B 171 8.23 -8.42 -5.23
N GLY B 172 7.59 -9.16 -4.34
CA GLY B 172 6.81 -10.36 -4.71
C GLY B 172 5.69 -10.05 -5.67
N MET B 173 4.94 -8.98 -5.43
CA MET B 173 3.74 -8.62 -6.22
C MET B 173 4.17 -7.96 -7.54
N ALA B 174 5.34 -7.31 -7.56
CA ALA B 174 5.97 -6.79 -8.80
C ALA B 174 6.33 -8.01 -9.67
N ALA B 175 6.95 -9.03 -9.07
CA ALA B 175 7.31 -10.28 -9.76
C ALA B 175 6.05 -10.84 -10.39
N ARG B 176 4.92 -10.81 -9.67
CA ARG B 176 3.65 -11.39 -10.18
C ARG B 176 3.20 -10.63 -11.44
N ASN B 177 3.38 -9.31 -11.45
CA ASN B 177 2.93 -8.44 -12.56
C ASN B 177 3.64 -8.88 -13.84
N ILE B 178 4.91 -9.23 -13.73
CA ILE B 178 5.76 -9.68 -14.86
C ILE B 178 5.38 -11.12 -15.20
N ALA B 179 5.41 -12.01 -14.21
CA ALA B 179 5.23 -13.46 -14.43
C ALA B 179 3.95 -13.66 -15.25
N TYR B 180 2.91 -12.88 -15.00
CA TYR B 180 1.59 -13.02 -15.68
C TYR B 180 1.33 -11.92 -16.71
N GLY B 181 2.38 -11.25 -17.19
CA GLY B 181 2.36 -10.57 -18.50
C GLY B 181 1.79 -9.16 -18.48
N GLU B 182 1.61 -8.52 -17.30
CA GLU B 182 1.15 -7.09 -17.20
C GLU B 182 2.34 -6.12 -17.37
N ALA B 183 3.57 -6.59 -17.19
CA ALA B 183 4.82 -5.80 -17.35
C ALA B 183 5.98 -6.73 -17.69
N ASP B 184 7.03 -6.21 -18.34
CA ASP B 184 8.30 -6.93 -18.62
C ASP B 184 9.39 -6.45 -17.66
N VAL B 185 9.25 -5.25 -17.11
CA VAL B 185 10.21 -4.73 -16.11
C VAL B 185 9.40 -4.10 -15.00
N MET B 186 9.83 -4.26 -13.75
CA MET B 186 9.31 -3.49 -12.57
C MET B 186 10.49 -3.07 -11.70
N VAL B 187 10.46 -1.85 -11.16
CA VAL B 187 11.33 -1.41 -10.02
C VAL B 187 10.54 -1.62 -8.74
N ALA B 188 10.98 -2.50 -7.85
CA ALA B 188 10.26 -2.80 -6.59
C ALA B 188 11.20 -2.77 -5.39
N GLY B 189 10.61 -2.61 -4.21
CA GLY B 189 11.30 -2.49 -2.93
C GLY B 189 10.62 -1.46 -2.07
N GLY B 190 11.37 -0.76 -1.23
CA GLY B 190 10.79 0.18 -0.28
C GLY B 190 11.82 1.14 0.25
N SER B 191 11.33 2.16 0.95
CA SER B 191 12.22 3.14 1.62
C SER B 191 11.54 3.58 2.91
N GLU B 192 12.33 4.05 3.85
CA GLU B 192 11.83 4.52 5.15
C GLU B 192 12.80 5.53 5.74
N MET B 193 12.23 6.55 6.38
N MET B 193 12.23 6.55 6.38
CA MET B 193 12.94 7.51 7.25
CA MET B 193 12.93 7.53 7.24
C MET B 193 11.98 7.86 8.39
C MET B 193 11.99 7.88 8.41
N ALA B 194 11.97 7.02 9.43
CA ALA B 194 11.08 7.15 10.61
C ALA B 194 11.91 7.62 11.82
N ALA B 195 13.20 7.94 11.63
CA ALA B 195 14.09 8.49 12.68
C ALA B 195 13.79 9.98 12.90
N CYS B 196 12.55 10.28 13.28
CA CYS B 196 12.05 11.58 13.77
C CYS B 196 11.49 11.39 15.18
N GLY B 197 10.96 12.43 15.80
CA GLY B 197 10.41 12.32 17.17
C GLY B 197 9.27 11.33 17.24
N LEU B 198 8.39 11.37 16.24
CA LEU B 198 7.15 10.57 16.21
C LEU B 198 7.55 9.10 16.13
N GLY B 199 8.62 8.80 15.40
CA GLY B 199 9.09 7.41 15.18
C GLY B 199 9.78 6.86 16.42
N LEU B 200 10.83 7.54 16.87
CA LEU B 200 11.58 7.11 18.08
C LEU B 200 10.64 7.12 19.28
N GLY B 201 9.76 8.13 19.34
CA GLY B 201 8.76 8.30 20.39
C GLY B 201 7.69 7.23 20.34
N GLY B 202 7.13 6.97 19.15
CA GLY B 202 6.02 6.02 18.94
C GLY B 202 6.42 4.60 19.26
N PHE B 203 7.61 4.19 18.82
CA PHE B 203 8.19 2.84 19.07
C PHE B 203 8.77 2.83 20.48
N GLY B 204 9.26 3.98 20.97
CA GLY B 204 9.66 4.22 22.37
C GLY B 204 8.52 3.96 23.35
N ALA B 205 7.32 4.50 23.07
CA ALA B 205 6.10 4.42 23.91
C ALA B 205 5.59 2.97 24.02
N ALA B 206 5.86 2.12 23.04
CA ALA B 206 5.46 0.69 23.02
C ALA B 206 6.56 -0.17 23.67
N ARG B 207 7.66 0.43 24.14
CA ARG B 207 8.87 -0.23 24.69
C ARG B 207 9.37 -1.31 23.73
N ALA B 208 9.18 -1.07 22.42
CA ALA B 208 9.52 -2.00 21.31
C ALA B 208 11.03 -1.95 21.00
N LEU B 209 11.73 -0.87 21.39
CA LEU B 209 13.12 -0.53 20.96
C LEU B 209 14.17 -1.00 21.99
N SER B 210 15.34 -1.43 21.52
CA SER B 210 16.57 -1.55 22.35
C SER B 210 16.86 -0.18 22.96
N THR B 211 17.25 -0.18 24.22
CA THR B 211 17.70 1.04 24.96
C THR B 211 19.14 0.83 25.42
N ARG B 212 19.92 -0.01 24.73
CA ARG B 212 21.35 -0.18 25.01
C ARG B 212 22.12 1.07 24.54
N ASN B 213 21.72 2.24 25.06
CA ASN B 213 22.28 3.56 24.70
C ASN B 213 23.81 3.53 24.83
N ASP B 214 24.33 2.79 25.81
CA ASP B 214 25.78 2.78 26.17
C ASP B 214 26.60 2.05 25.10
N GLU B 215 26.04 1.05 24.42
CA GLU B 215 26.76 0.22 23.40
C GLU B 215 25.86 0.09 22.18
N PRO B 216 25.64 1.19 21.42
CA PRO B 216 24.74 1.18 20.27
C PRO B 216 25.03 0.06 19.25
N THR B 217 26.31 -0.24 19.02
CA THR B 217 26.73 -1.26 18.02
C THR B 217 26.34 -2.68 18.48
N ARG B 218 26.16 -2.91 19.78
CA ARG B 218 25.76 -4.23 20.34
C ARG B 218 24.24 -4.29 20.61
N ALA B 219 23.49 -3.23 20.30
CA ALA B 219 22.05 -3.17 20.62
C ALA B 219 21.30 -4.24 19.85
N SER B 220 21.55 -4.37 18.53
CA SER B 220 20.88 -5.37 17.64
C SER B 220 21.61 -6.71 17.77
N ARG B 221 20.96 -7.70 18.37
CA ARG B 221 21.61 -9.00 18.71
C ARG B 221 20.54 -10.07 18.60
N PRO B 222 20.09 -10.32 17.36
CA PRO B 222 19.05 -11.32 17.12
C PRO B 222 19.42 -12.70 17.68
N TRP B 223 18.53 -13.28 18.48
CA TRP B 223 18.58 -14.65 19.05
C TRP B 223 19.54 -14.72 20.23
N ASP B 224 20.31 -13.65 20.52
CA ASP B 224 21.17 -13.53 21.73
C ASP B 224 20.27 -13.28 22.94
N ARG B 225 20.67 -13.80 24.11
CA ARG B 225 19.79 -13.86 25.30
C ARG B 225 19.65 -12.48 25.94
N ASP B 226 20.54 -11.52 25.65
CA ASP B 226 20.48 -10.15 26.26
C ASP B 226 19.78 -9.14 25.34
N ARG B 227 19.24 -9.56 24.20
CA ARG B 227 18.46 -8.69 23.30
C ARG B 227 17.31 -8.03 24.09
N ASP B 228 16.86 -6.85 23.67
CA ASP B 228 15.85 -6.03 24.40
C ASP B 228 15.06 -5.15 23.43
N GLY B 229 14.82 -5.62 22.19
CA GLY B 229 14.00 -4.95 21.17
C GLY B 229 14.83 -4.47 19.99
N PHE B 230 14.16 -4.02 18.93
CA PHE B 230 14.74 -3.78 17.59
C PHE B 230 15.46 -2.42 17.57
N VAL B 231 16.39 -2.23 16.64
CA VAL B 231 17.04 -0.93 16.38
C VAL B 231 16.35 -0.31 15.16
N LEU B 232 16.03 0.98 15.25
CA LEU B 232 15.35 1.75 14.18
C LEU B 232 16.41 2.25 13.19
N SER B 233 16.21 1.97 11.91
CA SER B 233 17.17 2.30 10.83
C SER B 233 16.44 2.92 9.63
N ASP B 234 17.23 3.64 8.84
CA ASP B 234 16.78 4.45 7.69
C ASP B 234 17.37 3.88 6.39
N GLY B 235 16.64 4.00 5.29
CA GLY B 235 17.22 3.77 3.96
C GLY B 235 16.21 3.24 2.96
N SER B 236 16.71 2.49 2.00
CA SER B 236 15.96 2.06 0.80
C SER B 236 16.69 0.91 0.12
N GLY B 237 15.88 0.03 -0.47
CA GLY B 237 16.32 -0.93 -1.49
C GLY B 237 15.38 -0.95 -2.66
N ALA B 238 15.94 -1.16 -3.86
CA ALA B 238 15.25 -1.19 -5.16
C ALA B 238 15.91 -2.24 -6.02
N LEU B 239 15.09 -3.09 -6.62
CA LEU B 239 15.57 -4.12 -7.56
C LEU B 239 14.79 -3.92 -8.84
N VAL B 240 15.50 -4.00 -9.95
CA VAL B 240 14.91 -4.17 -11.31
C VAL B 240 14.58 -5.67 -11.50
N LEU B 241 13.29 -5.95 -11.48
CA LEU B 241 12.74 -7.26 -11.86
C LEU B 241 12.47 -7.20 -13.36
N GLU B 242 12.77 -8.28 -14.07
CA GLU B 242 12.67 -8.36 -15.54
C GLU B 242 12.31 -9.79 -15.96
N GLU B 243 11.35 -9.93 -16.87
CA GLU B 243 11.04 -11.19 -17.59
C GLU B 243 12.32 -11.74 -18.26
N LEU B 244 12.56 -13.05 -18.16
CA LEU B 244 13.85 -13.71 -18.53
C LEU B 244 14.20 -13.45 -20.00
N GLU B 245 13.28 -13.71 -20.92
CA GLU B 245 13.59 -13.57 -22.37
C GLU B 245 13.89 -12.11 -22.69
N HIS B 246 13.25 -11.16 -22.00
CA HIS B 246 13.48 -9.71 -22.19
C HIS B 246 14.91 -9.34 -21.76
N ALA B 247 15.36 -9.87 -20.64
CA ALA B 247 16.72 -9.64 -20.11
C ALA B 247 17.73 -10.18 -21.13
N ARG B 248 17.56 -11.45 -21.52
CA ARG B 248 18.43 -12.23 -22.44
C ARG B 248 18.59 -11.51 -23.79
N ALA B 249 17.49 -11.03 -24.38
CA ALA B 249 17.47 -10.34 -25.69
C ALA B 249 18.40 -9.12 -25.67
N ARG B 250 18.38 -8.30 -24.60
CA ARG B 250 19.25 -7.10 -24.52
C ARG B 250 20.61 -7.48 -23.88
N GLY B 251 20.89 -8.76 -23.66
CA GLY B 251 22.14 -9.23 -23.06
C GLY B 251 22.41 -8.60 -21.70
N ALA B 252 21.40 -8.52 -20.82
CA ALA B 252 21.54 -8.02 -19.42
C ALA B 252 22.30 -9.01 -18.54
N ARG B 253 23.16 -8.50 -17.67
CA ARG B 253 23.73 -9.26 -16.52
C ARG B 253 22.56 -9.59 -15.58
N ILE B 254 22.34 -10.88 -15.36
CA ILE B 254 21.28 -11.44 -14.47
C ILE B 254 21.98 -11.82 -13.17
N TYR B 255 21.62 -11.19 -12.05
CA TYR B 255 22.24 -11.46 -10.73
C TYR B 255 21.80 -12.85 -10.22
N ALA B 256 20.51 -13.17 -10.38
CA ALA B 256 19.78 -14.31 -9.77
C ALA B 256 18.32 -14.30 -10.22
N GLU B 257 17.62 -15.42 -9.98
CA GLU B 257 16.20 -15.59 -10.38
C GLU B 257 15.32 -15.53 -9.13
N LEU B 258 14.22 -14.79 -9.21
CA LEU B 258 13.16 -14.80 -8.18
C LEU B 258 12.17 -15.86 -8.64
N VAL B 259 12.20 -17.02 -7.96
CA VAL B 259 11.44 -18.25 -8.33
C VAL B 259 10.20 -18.42 -7.45
N GLY B 260 10.19 -17.92 -6.21
CA GLY B 260 9.06 -18.12 -5.28
C GLY B 260 8.65 -16.87 -4.53
N PHE B 261 7.35 -16.69 -4.33
CA PHE B 261 6.77 -15.63 -3.46
C PHE B 261 5.62 -16.21 -2.63
N GLY B 262 5.72 -16.09 -1.30
CA GLY B 262 4.67 -16.54 -0.38
C GLY B 262 4.19 -15.42 0.52
N MET B 263 2.91 -15.48 0.88
CA MET B 263 2.21 -14.59 1.83
C MET B 263 1.41 -15.43 2.83
N SER B 264 1.19 -14.91 4.02
CA SER B 264 0.18 -15.44 4.97
C SER B 264 -0.21 -14.35 5.95
N GLY B 265 -1.30 -14.57 6.66
CA GLY B 265 -1.62 -13.83 7.89
C GLY B 265 -1.69 -14.77 9.08
N ASP B 266 -1.05 -14.36 10.18
CA ASP B 266 -1.05 -15.03 11.51
C ASP B 266 -2.47 -15.07 12.07
N ALA B 267 -3.18 -13.94 11.96
CA ALA B 267 -4.53 -13.74 12.53
C ALA B 267 -4.48 -14.02 14.05
N PHE B 268 -3.46 -13.47 14.73
CA PHE B 268 -3.11 -13.69 16.15
C PHE B 268 -3.11 -12.37 16.96
N HIS B 269 -2.09 -11.50 16.82
CA HIS B 269 -1.90 -10.26 17.61
C HIS B 269 -1.46 -9.09 16.73
N MET B 270 -1.68 -7.86 17.22
CA MET B 270 -1.49 -6.56 16.49
C MET B 270 0.01 -6.28 16.30
N THR B 271 0.86 -6.80 17.18
CA THR B 271 2.33 -6.52 17.17
C THR B 271 3.18 -7.75 17.50
N ALA B 272 2.65 -8.76 18.17
CA ALA B 272 3.42 -9.95 18.59
C ALA B 272 3.06 -11.13 17.70
N PRO B 273 4.04 -11.88 17.18
CA PRO B 273 3.73 -13.13 16.49
C PRO B 273 3.27 -14.15 17.53
N PRO B 274 2.65 -15.27 17.12
CA PRO B 274 2.47 -16.41 18.03
C PRO B 274 3.83 -17.05 18.34
N GLU B 275 3.89 -17.85 19.40
CA GLU B 275 5.14 -18.42 19.97
C GLU B 275 5.79 -19.39 18.97
N ASP B 276 4.95 -20.13 18.23
CA ASP B 276 5.34 -21.28 17.37
C ASP B 276 5.61 -20.81 15.92
N GLY B 277 5.32 -19.54 15.60
CA GLY B 277 5.55 -18.94 14.26
C GLY B 277 4.72 -19.63 13.20
N ALA B 278 3.54 -20.12 13.57
CA ALA B 278 2.72 -20.98 12.70
C ALA B 278 2.46 -20.22 11.40
N GLY B 279 2.28 -18.89 11.47
CA GLY B 279 1.99 -18.00 10.32
C GLY B 279 3.17 -17.86 9.39
N ALA B 280 4.36 -17.61 9.92
CA ALA B 280 5.65 -17.59 9.18
C ALA B 280 5.93 -18.94 8.54
N ALA B 281 5.51 -20.02 9.20
CA ALA B 281 5.68 -21.42 8.75
C ALA B 281 4.85 -21.62 7.47
N ARG B 282 3.56 -21.29 7.54
CA ARG B 282 2.59 -21.31 6.41
C ARG B 282 3.11 -20.45 5.26
N CYS B 283 3.61 -19.26 5.57
CA CYS B 283 4.13 -18.31 4.56
C CYS B 283 5.34 -18.94 3.82
N MET B 284 6.34 -19.43 4.56
CA MET B 284 7.52 -20.11 3.95
C MET B 284 7.07 -21.32 3.11
N LYS B 285 6.29 -22.24 3.67
CA LYS B 285 5.69 -23.37 2.92
C LYS B 285 5.05 -22.84 1.63
N ASN B 286 4.38 -21.70 1.68
CA ASN B 286 3.59 -21.21 0.52
C ASN B 286 4.56 -20.80 -0.57
N ALA B 287 5.65 -20.16 -0.17
CA ALA B 287 6.67 -19.64 -1.10
C ALA B 287 7.36 -20.83 -1.79
N LEU B 288 7.68 -21.87 -1.00
CA LEU B 288 8.46 -23.02 -1.52
C LEU B 288 7.58 -23.79 -2.51
N ARG B 289 6.28 -23.93 -2.19
CA ARG B 289 5.29 -24.53 -3.14
C ARG B 289 5.24 -23.71 -4.44
N ASP B 290 5.24 -22.38 -4.33
CA ASP B 290 5.16 -21.45 -5.48
C ASP B 290 6.41 -21.64 -6.35
N ALA B 291 7.53 -22.03 -5.74
CA ALA B 291 8.84 -22.20 -6.40
C ALA B 291 9.03 -23.64 -6.94
N GLY B 292 8.07 -24.54 -6.74
CA GLY B 292 8.20 -25.99 -7.00
C GLY B 292 9.33 -26.63 -6.18
N LEU B 293 9.72 -26.01 -5.07
CA LEU B 293 10.91 -26.45 -4.29
C LEU B 293 10.47 -27.25 -3.08
N ASP B 294 11.18 -28.36 -2.85
N ASP B 294 11.18 -28.36 -2.82
CA ASP B 294 11.18 -29.15 -1.58
CA ASP B 294 11.04 -29.14 -1.56
C ASP B 294 11.93 -28.34 -0.54
C ASP B 294 11.95 -28.47 -0.52
N PRO B 295 11.48 -28.30 0.74
CA PRO B 295 12.26 -27.60 1.77
C PRO B 295 13.77 -27.91 1.89
N ARG B 296 14.16 -29.15 1.57
CA ARG B 296 15.55 -29.66 1.60
C ARG B 296 16.45 -28.86 0.66
N GLN B 297 15.88 -28.27 -0.39
CA GLN B 297 16.66 -27.54 -1.45
C GLN B 297 17.15 -26.17 -0.96
N VAL B 298 16.66 -25.67 0.19
CA VAL B 298 17.00 -24.32 0.74
C VAL B 298 18.36 -24.39 1.45
N ASP B 299 19.24 -23.40 1.22
CA ASP B 299 20.61 -23.36 1.76
C ASP B 299 20.78 -22.14 2.67
N TYR B 300 20.23 -21.00 2.31
CA TYR B 300 20.37 -19.75 3.11
C TYR B 300 18.99 -19.16 3.41
N ILE B 301 18.84 -18.56 4.58
CA ILE B 301 17.66 -17.73 4.98
C ILE B 301 18.14 -16.39 5.55
N ASN B 302 17.79 -15.30 4.89
CA ASN B 302 17.81 -13.96 5.51
C ASN B 302 16.56 -13.87 6.36
N ALA B 303 16.74 -14.04 7.66
CA ALA B 303 15.66 -13.97 8.67
C ALA B 303 15.10 -12.55 8.68
N HIS B 304 13.87 -12.38 9.18
CA HIS B 304 13.38 -11.06 9.67
C HIS B 304 14.32 -10.67 10.83
N GLY B 305 14.47 -11.55 11.83
CA GLY B 305 15.53 -11.49 12.85
C GLY B 305 15.71 -10.12 13.52
N THR B 306 14.63 -9.54 14.07
CA THR B 306 14.55 -8.10 14.46
C THR B 306 15.25 -7.83 15.80
N SER B 307 15.56 -8.86 16.61
CA SER B 307 16.15 -8.68 17.96
C SER B 307 15.07 -8.30 18.98
N THR B 308 13.78 -8.57 18.72
CA THR B 308 12.72 -8.62 19.77
C THR B 308 12.66 -10.02 20.39
N PRO B 309 12.36 -10.15 21.69
CA PRO B 309 12.33 -11.46 22.36
C PRO B 309 11.33 -12.44 21.72
N ALA B 310 10.12 -11.95 21.45
CA ALA B 310 9.01 -12.79 20.94
C ALA B 310 9.31 -13.16 19.49
N GLY B 311 9.69 -12.18 18.67
CA GLY B 311 9.89 -12.32 17.22
C GLY B 311 11.02 -13.26 16.85
N ASP B 312 12.21 -13.13 17.47
CA ASP B 312 13.39 -13.97 17.12
C ASP B 312 13.10 -15.45 17.34
N ILE B 313 12.39 -15.76 18.43
CA ILE B 313 12.15 -17.17 18.87
C ILE B 313 11.05 -17.80 18.01
N ALA B 314 9.97 -17.07 17.70
CA ALA B 314 8.90 -17.55 16.80
C ALA B 314 9.48 -18.01 15.44
N GLU B 315 10.48 -17.28 14.93
N GLU B 315 10.48 -17.27 14.95
CA GLU B 315 11.15 -17.58 13.64
CA GLU B 315 11.19 -17.52 13.67
C GLU B 315 11.87 -18.93 13.72
C GLU B 315 11.89 -18.90 13.72
N ILE B 316 12.59 -19.20 14.82
CA ILE B 316 13.28 -20.51 15.02
C ILE B 316 12.23 -21.62 14.96
N ALA B 317 11.14 -21.51 15.71
CA ALA B 317 10.08 -22.55 15.73
C ALA B 317 9.56 -22.76 14.31
N ALA B 318 9.37 -21.69 13.53
CA ALA B 318 8.77 -21.77 12.17
C ALA B 318 9.75 -22.42 11.18
N VAL B 319 11.05 -22.22 11.35
CA VAL B 319 12.13 -22.86 10.54
C VAL B 319 12.23 -24.35 10.90
N LYS B 320 12.03 -24.71 12.19
CA LYS B 320 12.04 -26.13 12.66
C LYS B 320 10.79 -26.86 12.13
N SER B 321 9.62 -26.22 12.19
CA SER B 321 8.36 -26.77 11.64
C SER B 321 8.42 -26.97 10.13
N VAL B 322 9.09 -26.10 9.36
CA VAL B 322 9.07 -26.18 7.87
C VAL B 322 10.14 -27.16 7.39
N PHE B 323 11.35 -27.06 7.94
CA PHE B 323 12.55 -27.73 7.38
C PHE B 323 12.80 -29.06 8.08
N GLY B 324 12.17 -29.31 9.24
CA GLY B 324 12.28 -30.57 10.02
C GLY B 324 13.73 -31.04 10.13
N GLU B 325 14.07 -32.13 9.43
CA GLU B 325 15.40 -32.82 9.48
C GLU B 325 16.47 -32.01 8.73
N HIS B 326 16.13 -30.94 8.01
CA HIS B 326 17.08 -30.08 7.25
C HIS B 326 17.30 -28.72 7.94
N ALA B 327 16.65 -28.50 9.07
CA ALA B 327 16.58 -27.16 9.70
C ALA B 327 17.95 -26.70 10.20
N HIS B 328 18.86 -27.64 10.51
CA HIS B 328 20.23 -27.34 11.03
C HIS B 328 21.25 -27.29 9.88
N ALA B 329 20.91 -27.83 8.70
CA ALA B 329 21.84 -27.90 7.54
C ALA B 329 21.84 -26.55 6.82
N LEU B 330 20.67 -25.92 6.63
CA LEU B 330 20.63 -24.54 6.07
C LEU B 330 21.33 -23.58 7.03
N SER B 331 21.77 -22.44 6.51
CA SER B 331 22.33 -21.31 7.30
C SER B 331 21.27 -20.22 7.31
N MET B 332 21.08 -19.58 8.46
CA MET B 332 20.09 -18.50 8.64
C MET B 332 20.71 -17.40 9.51
N SER B 333 20.92 -16.21 8.95
CA SER B 333 21.47 -15.03 9.67
C SER B 333 20.49 -13.86 9.55
N SER B 334 20.56 -12.94 10.50
CA SER B 334 19.79 -11.68 10.47
C SER B 334 20.80 -10.57 10.26
N THR B 335 20.75 -9.93 9.08
CA THR B 335 21.64 -8.81 8.66
C THR B 335 21.22 -7.54 9.41
N LYS B 336 20.10 -7.58 10.18
CA LYS B 336 19.65 -6.50 11.08
C LYS B 336 20.60 -6.37 12.28
N SER B 337 21.31 -7.45 12.63
CA SER B 337 22.40 -7.45 13.65
C SER B 337 23.35 -6.28 13.35
N MET B 338 23.47 -5.90 12.07
CA MET B 338 24.43 -4.90 11.52
C MET B 338 23.73 -3.63 11.02
N THR B 339 22.65 -3.76 10.25
CA THR B 339 21.93 -2.63 9.61
C THR B 339 20.89 -2.01 10.57
N GLY B 340 20.41 -2.78 11.55
CA GLY B 340 19.16 -2.45 12.26
C GLY B 340 17.97 -2.65 11.33
N HIS B 341 16.78 -2.21 11.73
CA HIS B 341 15.48 -2.57 11.11
C HIS B 341 15.00 -1.41 10.26
N LEU B 342 15.09 -1.51 8.94
CA LEU B 342 14.72 -0.40 8.02
C LEU B 342 13.20 -0.37 7.77
N LEU B 343 12.45 -1.09 8.62
CA LEU B 343 10.96 -1.19 8.58
C LEU B 343 10.51 -1.53 7.14
N GLY B 344 9.82 -0.62 6.45
CA GLY B 344 9.25 -0.89 5.11
C GLY B 344 10.33 -1.26 4.10
N ALA B 345 11.56 -0.82 4.34
CA ALA B 345 12.73 -1.02 3.47
C ALA B 345 13.55 -2.23 3.93
N ALA B 346 13.17 -2.87 5.05
CA ALA B 346 13.84 -4.08 5.58
C ALA B 346 13.88 -5.17 4.52
N GLY B 347 12.71 -5.50 3.95
CA GLY B 347 12.53 -6.62 3.01
C GLY B 347 13.33 -6.43 1.72
N ALA B 348 13.55 -5.18 1.31
CA ALA B 348 14.17 -4.82 0.02
C ALA B 348 15.71 -4.94 0.11
N VAL B 349 16.33 -4.29 1.08
CA VAL B 349 17.80 -4.42 1.30
C VAL B 349 18.13 -5.87 1.65
N GLU B 350 17.21 -6.61 2.26
CA GLU B 350 17.48 -8.02 2.67
C GLU B 350 17.33 -8.97 1.47
N ALA B 351 16.38 -8.71 0.56
CA ALA B 351 16.28 -9.38 -0.77
C ALA B 351 17.60 -9.18 -1.52
N ILE B 352 18.17 -7.98 -1.43
CA ILE B 352 19.45 -7.65 -2.12
C ILE B 352 20.60 -8.43 -1.47
N PHE B 353 20.65 -8.45 -0.14
CA PHE B 353 21.70 -9.20 0.59
C PHE B 353 21.57 -10.69 0.27
N SER B 354 20.33 -11.17 0.05
CA SER B 354 20.00 -12.58 -0.27
C SER B 354 20.47 -12.87 -1.70
N VAL B 355 20.22 -11.96 -2.63
CA VAL B 355 20.74 -12.12 -4.01
C VAL B 355 22.28 -12.13 -3.97
N LEU B 356 22.93 -11.25 -3.22
CA LEU B 356 24.42 -11.24 -3.19
C LEU B 356 24.96 -12.49 -2.44
N ALA B 357 24.20 -13.11 -1.54
CA ALA B 357 24.65 -14.38 -0.91
C ALA B 357 24.70 -15.47 -1.98
N LEU B 358 23.78 -15.45 -2.93
CA LEU B 358 23.83 -16.34 -4.11
C LEU B 358 25.04 -16.00 -4.97
N ARG B 359 25.15 -14.75 -5.46
CA ARG B 359 26.29 -14.33 -6.33
C ARG B 359 27.61 -14.79 -5.71
N ASP B 360 27.92 -14.44 -4.45
CA ASP B 360 29.26 -14.57 -3.83
C ASP B 360 29.42 -15.84 -2.99
N GLN B 361 28.37 -16.68 -2.91
CA GLN B 361 28.39 -18.00 -2.23
C GLN B 361 28.88 -17.85 -0.77
N VAL B 362 28.27 -16.92 -0.04
CA VAL B 362 28.59 -16.63 1.39
C VAL B 362 27.30 -16.26 2.14
N ALA B 363 27.15 -16.78 3.36
CA ALA B 363 26.13 -16.38 4.36
C ALA B 363 26.66 -15.21 5.19
N PRO B 364 25.98 -14.04 5.18
CA PRO B 364 26.31 -12.96 6.10
C PRO B 364 26.15 -13.38 7.56
N PRO B 365 26.95 -12.81 8.46
CA PRO B 365 26.87 -13.19 9.87
C PRO B 365 25.64 -12.59 10.56
N THR B 366 25.17 -13.22 11.63
CA THR B 366 24.49 -12.53 12.74
C THR B 366 25.56 -12.08 13.74
N ILE B 367 25.97 -10.82 13.70
CA ILE B 367 26.91 -10.26 14.73
C ILE B 367 26.18 -10.13 16.07
N ASN B 368 26.94 -9.97 17.14
CA ASN B 368 26.48 -9.83 18.53
C ASN B 368 25.84 -11.12 19.07
N LEU B 369 25.79 -12.22 18.31
CA LEU B 369 25.19 -13.50 18.80
C LEU B 369 26.16 -14.13 19.79
N ASP B 370 26.37 -13.48 20.95
CA ASP B 370 27.42 -13.84 21.94
C ASP B 370 26.95 -15.07 22.72
N ASN B 371 25.65 -15.18 22.96
CA ASN B 371 25.05 -16.21 23.83
C ASN B 371 23.69 -16.62 23.28
N PRO B 372 23.66 -17.61 22.35
CA PRO B 372 22.39 -18.08 21.81
C PRO B 372 21.42 -18.37 22.97
N ASP B 373 20.16 -18.00 22.79
CA ASP B 373 19.07 -18.22 23.76
C ASP B 373 18.57 -19.67 23.65
N GLU B 374 17.66 -20.05 24.55
CA GLU B 374 16.98 -21.38 24.61
C GLU B 374 16.44 -21.76 23.23
N GLY B 375 16.81 -22.93 22.72
CA GLY B 375 16.25 -23.53 21.49
C GLY B 375 16.73 -22.82 20.23
N CYS B 376 17.62 -21.83 20.38
CA CYS B 376 18.27 -21.11 19.27
C CYS B 376 19.53 -21.91 18.89
N ASP B 377 19.34 -23.18 18.55
CA ASP B 377 20.46 -24.15 18.42
C ASP B 377 20.74 -24.43 16.94
N LEU B 378 20.38 -23.51 16.03
CA LEU B 378 20.51 -23.62 14.55
C LEU B 378 21.84 -23.03 14.07
N ASP B 379 22.12 -23.15 12.77
CA ASP B 379 23.25 -22.44 12.14
C ASP B 379 22.80 -21.00 11.84
N LEU B 380 23.15 -20.09 12.75
CA LEU B 380 22.73 -18.66 12.76
C LEU B 380 23.93 -17.79 12.36
N VAL B 381 25.00 -18.42 11.88
CA VAL B 381 26.21 -17.72 11.35
C VAL B 381 26.65 -16.64 12.35
N ALA B 382 26.88 -17.02 13.61
CA ALA B 382 27.28 -16.08 14.69
C ALA B 382 28.62 -15.40 14.34
N HIS B 383 28.71 -14.09 14.58
CA HIS B 383 29.94 -13.24 14.60
C HIS B 383 30.55 -13.02 13.22
N GLU B 384 30.68 -14.06 12.38
CA GLU B 384 31.54 -14.03 11.16
C GLU B 384 30.85 -14.66 9.94
N ALA B 385 31.01 -14.02 8.79
CA ALA B 385 30.55 -14.48 7.45
C ALA B 385 31.00 -15.93 7.20
N LYS B 386 30.16 -16.73 6.56
CA LYS B 386 30.45 -18.17 6.29
C LYS B 386 30.28 -18.44 4.79
N PRO B 387 31.39 -18.64 4.05
CA PRO B 387 31.35 -19.18 2.69
C PRO B 387 30.76 -20.59 2.68
N ARG B 388 29.93 -20.91 1.69
CA ARG B 388 29.25 -22.23 1.58
C ARG B 388 28.45 -22.29 0.28
N LYS B 389 27.85 -23.45 0.01
CA LYS B 389 26.98 -23.70 -1.16
C LYS B 389 25.61 -23.12 -0.88
N ILE B 390 25.20 -22.14 -1.70
CA ILE B 390 23.85 -21.52 -1.68
C ILE B 390 23.32 -21.54 -3.13
N ASP B 391 22.46 -22.52 -3.45
CA ASP B 391 21.68 -22.59 -4.73
C ASP B 391 20.36 -21.83 -4.55
N VAL B 392 19.71 -21.97 -3.38
CA VAL B 392 18.37 -21.40 -3.05
C VAL B 392 18.47 -20.59 -1.76
N ALA B 393 17.97 -19.35 -1.76
CA ALA B 393 18.00 -18.46 -0.56
C ALA B 393 16.62 -17.81 -0.36
N LEU B 394 16.17 -17.77 0.90
CA LEU B 394 14.85 -17.27 1.37
C LEU B 394 15.05 -15.93 2.05
N SER B 395 14.11 -15.02 1.85
CA SER B 395 14.09 -13.76 2.61
C SER B 395 12.76 -13.66 3.33
N ASN B 396 12.80 -13.49 4.65
CA ASN B 396 11.58 -13.46 5.49
C ASN B 396 11.34 -12.03 5.99
N SER B 397 10.08 -11.65 5.94
CA SER B 397 9.56 -10.42 6.55
C SER B 397 8.23 -10.72 7.23
N PHE B 398 8.17 -10.42 8.53
CA PHE B 398 6.97 -10.49 9.41
C PHE B 398 6.69 -9.04 9.85
N GLY B 399 5.41 -8.70 10.07
CA GLY B 399 4.98 -7.31 10.31
C GLY B 399 3.80 -7.19 11.26
N PHE B 400 3.73 -6.09 12.00
CA PHE B 400 2.54 -5.61 12.73
C PHE B 400 1.30 -6.02 11.92
N GLY B 401 0.28 -6.54 12.59
CA GLY B 401 -0.95 -7.07 11.96
C GLY B 401 -0.80 -8.51 11.55
N GLY B 402 0.35 -9.13 11.90
CA GLY B 402 0.71 -10.52 11.58
C GLY B 402 0.73 -10.78 10.08
N THR B 403 1.30 -9.81 9.35
CA THR B 403 1.40 -9.85 7.89
C THR B 403 2.79 -10.42 7.56
N ASN B 404 2.80 -11.56 6.87
CA ASN B 404 4.02 -12.34 6.57
C ASN B 404 4.30 -12.32 5.06
N GLY B 405 5.57 -12.34 4.70
CA GLY B 405 5.99 -12.39 3.29
C GLY B 405 7.29 -13.15 3.21
N THR B 406 7.38 -14.07 2.23
CA THR B 406 8.63 -14.77 1.89
C THR B 406 8.93 -14.65 0.39
N LEU B 407 10.20 -14.36 0.08
CA LEU B 407 10.79 -14.44 -1.28
C LEU B 407 11.78 -15.61 -1.34
N VAL B 408 11.76 -16.37 -2.46
CA VAL B 408 12.73 -17.46 -2.81
C VAL B 408 13.53 -17.04 -4.03
N PHE B 409 14.82 -16.82 -3.82
CA PHE B 409 15.82 -16.60 -4.87
C PHE B 409 16.53 -17.94 -5.12
N ARG B 410 16.99 -18.10 -6.36
CA ARG B 410 17.74 -19.27 -6.88
C ARG B 410 18.87 -18.72 -7.77
N ARG B 411 20.02 -19.42 -7.78
CA ARG B 411 21.14 -19.10 -8.72
C ARG B 411 20.62 -19.23 -10.15
N PHE B 412 21.13 -18.40 -11.07
CA PHE B 412 20.77 -18.48 -12.51
C PHE B 412 21.99 -18.90 -13.37
N ALA B 413 21.77 -19.83 -14.32
CA ALA B 413 22.72 -20.18 -15.42
C ALA B 413 21.94 -20.61 -16.66
O3 6SU C . -1.42 -6.23 -9.52
C4 6SU C . -1.29 -11.90 -11.93
C5 6SU C . -1.20 -10.53 -11.91
C6 6SU C . -1.16 -9.89 -10.67
C7 6SU C . -1.18 -10.64 -9.52
C8 6SU C . -2.52 -8.12 -8.45
S 6SU C . -1.17 -7.57 -9.16
O2 6SU C . -0.05 -7.84 -8.34
N 6SU C . -1.16 -8.47 -10.56
C3 6SU C . -1.31 -12.65 -10.75
C2 6SU C . -1.26 -11.99 -9.56
C1 6SU C . -1.28 -12.76 -8.28
O1 6SU C . -1.46 -13.99 -8.29
O 6SU C . -1.05 -12.21 -6.96
C 6SU C . -0.69 -10.87 -6.50
S DMS D . -10.04 -10.99 -12.25
O DMS D . -8.58 -11.10 -12.54
C1 DMS D . -10.71 -9.83 -13.40
C2 DMS D . -10.79 -12.44 -12.97
S DMS E . -16.25 2.90 -31.36
O DMS E . -17.77 2.94 -31.37
C1 DMS E . -15.76 1.69 -30.14
C2 DMS E . -15.75 2.02 -32.83
S DMS F . -2.82 11.38 22.21
O DMS F . -1.42 11.10 22.69
C1 DMS F . -3.37 12.88 23.00
C2 DMS F . -3.84 10.24 23.11
S DMS G . 19.66 10.31 -11.44
O DMS G . 20.10 8.97 -11.97
C1 DMS G . 20.92 11.46 -11.94
C2 DMS G . 18.33 10.87 -12.50
S DMS H . 12.30 7.09 -27.16
O DMS H . 12.11 5.87 -28.02
C1 DMS H . 14.01 7.10 -26.68
C2 DMS H . 12.32 8.48 -28.28
S DMS I . 7.09 -15.24 -9.93
O DMS I . 5.58 -15.11 -9.86
C1 DMS I . 7.72 -14.54 -8.44
C2 DMS I . 7.44 -16.93 -9.50
S DMS J . 7.11 20.25 2.07
O DMS J . 7.00 20.12 3.55
C1 DMS J . 8.18 21.64 1.78
C2 DMS J . 8.21 18.98 1.54
S DMS K . 25.11 2.55 -9.43
O DMS K . 23.67 2.22 -9.58
C1 DMS K . 25.70 1.68 -7.99
C2 DMS K . 25.20 4.18 -8.79
S DMS L . 12.17 18.60 3.25
O DMS L . 11.23 17.64 2.63
C1 DMS L . 13.80 17.93 3.05
C2 DMS L . 12.03 18.39 5.02
S DMS M . 17.40 5.18 -18.87
O DMS M . 16.39 5.17 -19.97
C1 DMS M . 17.45 6.83 -18.19
C2 DMS M . 18.99 5.20 -19.68
P PO4 N . 11.77 -3.87 -25.68
O1 PO4 N . 12.78 -4.70 -26.45
O2 PO4 N . 11.23 -2.77 -26.56
O3 PO4 N . 12.45 -3.27 -24.43
O4 PO4 N . 10.59 -4.77 -25.24
#